data_3OBI
#
_entry.id   3OBI
#
_cell.length_a   70.048
_cell.length_b   141.111
_cell.length_c   77.563
_cell.angle_alpha   90.000
_cell.angle_beta   107.830
_cell.angle_gamma   90.000
#
_symmetry.space_group_name_H-M   'P 1 21 1'
#
loop_
_entity.id
_entity.type
_entity.pdbx_description
1 polymer 'Formyltetrahydrofolate deformylase'
2 non-polymer 1,2-ETHANEDIOL
3 water water
#
_entity_poly.entity_id   1
_entity_poly.type   'polypeptide(L)'
_entity_poly.pdbx_seq_one_letter_code
;G(MSE)PHHQYVLTLSCPDRAGIVSAVSTFLFENGQNILDAQQYNDTESGHFF(MSE)RVVFNAAAKVIPLASLRTGFGV
IAAKFT(MSE)GWH(MSE)RDRETRRKV(MSE)LLVSQSDHCLADILYRWRVGDLH(MSE)IPTAIVSNHPRETFSGFDF
GDIPFYHFPVNKDTRRQQEAAITALIAQTHTDLVVLARY(MSE)QILSDE(MSE)SARLAGRCINIHHSFLPGFKGAKPY
HQAFDRGVKLIGATAHYVTSALDEGPIIDQDVERISHRDTPADLVRKGRDIERRVLSRALHYHLDDRVILNGRKTVVFTD
;
_entity_poly.pdbx_strand_id   A,B,C,D
#
loop_
_chem_comp.id
_chem_comp.type
_chem_comp.name
_chem_comp.formula
EDO non-polymer 1,2-ETHANEDIOL 'C2 H6 O2'
#
# COMPACT_ATOMS: atom_id res chain seq x y z
N HIS A 4 19.12 -24.39 19.78
CA HIS A 4 20.14 -23.32 20.01
C HIS A 4 19.45 -21.98 20.15
N HIS A 5 19.60 -21.34 21.31
CA HIS A 5 18.90 -20.08 21.56
C HIS A 5 19.48 -18.94 20.72
N GLN A 6 18.64 -17.97 20.38
CA GLN A 6 19.09 -16.79 19.69
C GLN A 6 19.03 -15.67 20.72
N TYR A 7 19.97 -14.75 20.67
CA TYR A 7 20.00 -13.61 21.57
C TYR A 7 19.97 -12.35 20.74
N VAL A 8 19.51 -11.26 21.35
CA VAL A 8 19.47 -9.96 20.68
C VAL A 8 20.05 -8.90 21.59
N LEU A 9 20.87 -8.05 21.00
CA LEU A 9 21.48 -6.93 21.69
C LEU A 9 21.11 -5.69 20.90
N THR A 10 20.69 -4.66 21.63
CA THR A 10 20.41 -3.35 21.10
C THR A 10 21.21 -2.36 21.91
N LEU A 11 21.65 -1.30 21.26
CA LEU A 11 22.43 -0.29 21.96
C LEU A 11 22.44 1.03 21.29
N SER A 12 22.66 2.08 22.09
CA SER A 12 22.91 3.42 21.61
C SER A 12 23.99 4.03 22.48
N CYS A 13 24.78 4.92 21.87
CA CYS A 13 25.85 5.61 22.58
C CYS A 13 26.38 6.80 21.78
N PRO A 14 27.18 7.67 22.42
CA PRO A 14 27.82 8.76 21.66
C PRO A 14 28.71 8.16 20.56
N ASP A 15 28.63 8.76 19.36
CA ASP A 15 29.39 8.25 18.22
C ASP A 15 30.89 8.39 18.50
N ARG A 16 31.61 7.34 18.15
CA ARG A 16 33.04 7.19 18.40
C ARG A 16 33.49 6.13 17.39
N ALA A 17 34.76 6.18 17.01
CA ALA A 17 35.32 5.20 16.09
C ALA A 17 35.41 3.84 16.80
N GLY A 18 35.26 2.76 16.05
CA GLY A 18 35.48 1.43 16.60
C GLY A 18 34.41 0.83 17.48
N ILE A 19 33.19 1.34 17.41
CA ILE A 19 32.06 0.75 18.18
C ILE A 19 31.73 -0.63 17.62
N VAL A 20 31.58 -0.71 16.29
CA VAL A 20 31.26 -1.97 15.64
C VAL A 20 32.40 -3.00 15.88
N SER A 21 33.64 -2.57 15.71
CA SER A 21 34.81 -3.39 16.01
C SER A 21 34.74 -3.93 17.44
N ALA A 22 34.45 -3.06 18.42
CA ALA A 22 34.38 -3.48 19.84
C ALA A 22 33.30 -4.52 20.13
N VAL A 23 32.08 -4.25 19.66
CA VAL A 23 30.93 -5.13 19.90
C VAL A 23 31.08 -6.46 19.18
N SER A 24 31.39 -6.42 17.88
CA SER A 24 31.56 -7.67 17.10
C SER A 24 32.79 -8.49 17.56
N THR A 25 33.86 -7.83 17.98
CA THR A 25 35.05 -8.55 18.50
C THR A 25 34.68 -9.26 19.81
N PHE A 26 33.92 -8.60 20.67
CA PHE A 26 33.39 -9.23 21.89
C PHE A 26 32.60 -10.52 21.60
N LEU A 27 31.62 -10.45 20.68
CA LEU A 27 30.79 -11.59 20.37
C LEU A 27 31.60 -12.73 19.78
N PHE A 28 32.56 -12.38 18.91
CA PHE A 28 33.48 -13.33 18.24
C PHE A 28 34.39 -14.03 19.27
N GLU A 29 35.11 -13.24 20.07
CA GLU A 29 36.01 -13.75 21.12
C GLU A 29 35.27 -14.57 22.21
N ASN A 30 33.97 -14.32 22.38
CA ASN A 30 33.09 -15.08 23.29
C ASN A 30 32.31 -16.21 22.55
N GLY A 31 32.83 -16.66 21.43
CA GLY A 31 32.29 -17.82 20.74
C GLY A 31 30.90 -17.75 20.18
N GLN A 32 30.47 -16.55 19.79
CA GLN A 32 29.13 -16.31 19.22
C GLN A 32 29.22 -16.01 17.74
N ASN A 33 28.08 -16.19 17.05
CA ASN A 33 27.98 -15.98 15.61
C ASN A 33 26.84 -15.03 15.27
N ILE A 34 27.13 -13.99 14.48
CA ILE A 34 26.11 -13.02 14.08
C ILE A 34 25.17 -13.61 13.01
N LEU A 35 23.84 -13.55 13.30
CA LEU A 35 22.76 -14.00 12.38
C LEU A 35 22.19 -12.85 11.54
N ASP A 36 21.95 -11.73 12.19
CA ASP A 36 21.39 -10.53 11.56
CA ASP A 36 21.54 -10.50 11.50
C ASP A 36 21.89 -9.34 12.40
N ALA A 37 22.28 -8.24 11.77
CA ALA A 37 22.69 -7.06 12.48
C ALA A 37 22.50 -5.79 11.64
N GLN A 38 22.26 -4.69 12.34
CA GLN A 38 22.04 -3.38 11.70
CA GLN A 38 22.00 -3.36 11.74
C GLN A 38 22.73 -2.30 12.55
N GLN A 39 23.29 -1.30 11.87
CA GLN A 39 23.95 -0.18 12.52
C GLN A 39 23.58 1.14 11.81
N TYR A 40 23.42 2.19 12.60
CA TYR A 40 23.06 3.52 12.10
C TYR A 40 23.68 4.62 12.96
N ASN A 41 24.33 5.57 12.28
CA ASN A 41 25.01 6.69 12.89
C ASN A 41 24.15 7.93 12.62
N ASP A 42 23.51 8.45 13.68
CA ASP A 42 22.76 9.71 13.60
C ASP A 42 23.81 10.82 13.74
N THR A 43 24.24 11.33 12.58
CA THR A 43 25.28 12.37 12.56
C THR A 43 24.74 13.73 13.04
N GLU A 44 23.41 13.93 13.15
CA GLU A 44 22.84 15.20 13.65
CA GLU A 44 22.87 15.21 13.62
C GLU A 44 22.90 15.23 15.16
N SER A 45 22.52 14.13 15.81
CA SER A 45 22.57 14.00 17.29
C SER A 45 23.94 13.51 17.78
N GLY A 46 24.79 12.98 16.89
CA GLY A 46 26.10 12.44 17.28
C GLY A 46 25.99 11.16 18.09
N HIS A 47 25.00 10.32 17.74
CA HIS A 47 24.76 9.04 18.42
C HIS A 47 24.74 7.89 17.44
N PHE A 48 25.22 6.74 17.92
CA PHE A 48 25.34 5.52 17.14
C PHE A 48 24.39 4.50 17.68
N PHE A 49 23.80 3.69 16.80
CA PHE A 49 22.77 2.71 17.14
C PHE A 49 23.07 1.35 16.57
N MSE A 50 22.91 0.27 17.34
CA MSE A 50 23.11 -1.08 16.81
C MSE A 50 22.10 -2.07 17.31
O MSE A 50 21.69 -1.99 18.47
CB MSE A 50 24.45 -1.69 17.20
CG MSE A 50 25.67 -1.02 16.78
SE MSE A 50 27.21 -2.33 17.04
CE MSE A 50 26.87 -3.88 16.13
N ARG A 51 21.78 -3.04 16.45
CA ARG A 51 21.00 -4.19 16.79
C ARG A 51 21.78 -5.38 16.22
N VAL A 52 21.98 -6.41 17.05
CA VAL A 52 22.70 -7.62 16.68
CA VAL A 52 22.67 -7.63 16.63
C VAL A 52 21.94 -8.83 17.22
N VAL A 53 21.62 -9.78 16.36
CA VAL A 53 21.00 -11.03 16.74
C VAL A 53 22.11 -12.06 16.56
N PHE A 54 22.29 -12.92 17.55
CA PHE A 54 23.36 -13.92 17.49
C PHE A 54 23.01 -15.19 18.21
N ASN A 55 23.84 -16.20 18.01
CA ASN A 55 23.69 -17.48 18.68
C ASN A 55 25.07 -18.06 18.90
N ALA A 56 25.11 -19.16 19.63
CA ALA A 56 26.37 -19.82 19.95
C ALA A 56 27.03 -20.46 18.73
N ALA A 57 28.34 -20.28 18.64
CA ALA A 57 29.18 -20.92 17.65
C ALA A 57 30.12 -21.93 18.39
N ALA A 58 31.27 -21.46 18.89
CA ALA A 58 32.30 -22.32 19.52
C ALA A 58 32.13 -22.50 21.04
N LYS A 59 31.56 -21.48 21.69
CA LYS A 59 31.33 -21.48 23.12
C LYS A 59 29.85 -21.23 23.36
N VAL A 60 29.23 -22.12 24.14
CA VAL A 60 27.84 -21.96 24.56
C VAL A 60 27.98 -21.24 25.90
N ILE A 61 27.83 -19.91 25.88
CA ILE A 61 27.95 -19.05 27.07
C ILE A 61 26.54 -18.68 27.54
N PRO A 62 26.23 -18.86 28.85
CA PRO A 62 24.92 -18.40 29.33
C PRO A 62 24.76 -16.88 29.23
N LEU A 63 23.51 -16.41 29.13
CA LEU A 63 23.18 -14.97 29.00
C LEU A 63 23.80 -14.11 30.10
N ALA A 64 23.63 -14.53 31.37
CA ALA A 64 24.20 -13.82 32.53
C ALA A 64 25.70 -13.54 32.38
N SER A 65 26.45 -14.51 31.82
CA SER A 65 27.89 -14.35 31.64
CA SER A 65 27.90 -14.34 31.63
C SER A 65 28.22 -13.40 30.47
N LEU A 66 27.41 -13.46 29.41
CA LEU A 66 27.60 -12.57 28.27
C LEU A 66 27.35 -11.13 28.74
N ARG A 67 26.23 -10.89 29.46
CA ARG A 67 25.86 -9.55 30.01
C ARG A 67 27.00 -8.97 30.84
N THR A 68 27.51 -9.76 31.79
CA THR A 68 28.64 -9.36 32.66
C THR A 68 29.85 -8.98 31.81
N GLY A 69 30.20 -9.82 30.85
CA GLY A 69 31.28 -9.53 29.91
C GLY A 69 31.03 -8.26 29.10
N PHE A 70 29.90 -8.18 28.44
CA PHE A 70 29.56 -7.01 27.61
C PHE A 70 29.45 -5.69 28.40
N GLY A 71 29.00 -5.78 29.65
CA GLY A 71 28.95 -4.60 30.55
C GLY A 71 30.24 -3.80 30.69
N VAL A 72 31.38 -4.47 30.54
CA VAL A 72 32.72 -3.83 30.54
C VAL A 72 32.83 -2.89 29.32
N ILE A 73 32.44 -3.39 28.14
CA ILE A 73 32.45 -2.61 26.89
C ILE A 73 31.40 -1.49 26.93
N ALA A 74 30.21 -1.81 27.43
CA ALA A 74 29.13 -0.83 27.53
C ALA A 74 29.48 0.33 28.41
N ALA A 75 30.18 0.06 29.52
CA ALA A 75 30.63 1.11 30.42
C ALA A 75 31.61 2.06 29.71
N LYS A 76 32.65 1.50 29.08
CA LYS A 76 33.68 2.28 28.38
CA LYS A 76 33.70 2.25 28.34
C LYS A 76 33.14 3.19 27.28
N PHE A 77 32.17 2.70 26.49
CA PHE A 77 31.55 3.48 25.40
C PHE A 77 30.32 4.34 25.82
N THR A 78 29.99 4.40 27.11
CA THR A 78 28.79 5.13 27.62
C THR A 78 27.51 4.64 26.92
N MSE A 79 27.37 3.32 26.80
CA MSE A 79 26.21 2.73 26.12
C MSE A 79 24.98 2.53 27.00
O MSE A 79 25.10 2.15 28.16
CB MSE A 79 26.55 1.37 25.51
CG MSE A 79 27.63 1.37 24.47
SE MSE A 79 28.01 -0.47 23.91
CE MSE A 79 29.27 -0.01 22.50
N GLY A 80 23.81 2.81 26.42
CA GLY A 80 22.52 2.39 26.97
C GLY A 80 22.29 1.11 26.15
N TRP A 81 22.05 -0.01 26.81
CA TRP A 81 21.95 -1.31 26.10
C TRP A 81 21.07 -2.33 26.75
N HIS A 82 20.73 -3.35 25.96
CA HIS A 82 19.92 -4.45 26.43
C HIS A 82 20.27 -5.72 25.65
N MSE A 83 20.47 -6.81 26.39
CA MSE A 83 20.71 -8.11 25.81
C MSE A 83 19.71 -9.08 26.45
O MSE A 83 19.64 -9.16 27.69
CB MSE A 83 22.13 -8.55 26.12
CG MSE A 83 22.59 -9.81 25.42
SE MSE A 83 24.37 -10.35 25.95
CE MSE A 83 25.35 -9.19 24.78
N ARG A 84 18.96 -9.80 25.62
CA ARG A 84 18.04 -10.86 26.07
C ARG A 84 17.98 -12.05 25.09
N ASP A 85 17.46 -13.16 25.60
CA ASP A 85 17.13 -14.35 24.81
C ASP A 85 15.86 -13.97 24.07
N ARG A 86 15.88 -14.15 22.75
CA ARG A 86 14.69 -13.89 21.93
CA ARG A 86 14.71 -13.96 21.87
C ARG A 86 13.49 -14.76 22.36
N GLU A 87 13.73 -15.92 22.96
CA GLU A 87 12.60 -16.76 23.46
C GLU A 87 11.97 -16.32 24.81
N THR A 88 12.56 -15.36 25.51
CA THR A 88 12.01 -14.90 26.78
C THR A 88 10.96 -13.86 26.45
N ARG A 89 9.69 -14.23 26.69
CA ARG A 89 8.56 -13.34 26.43
C ARG A 89 8.51 -12.20 27.46
N ARG A 90 8.38 -10.95 27.01
CA ARG A 90 8.19 -9.78 27.92
C ARG A 90 6.81 -9.87 28.57
N LYS A 91 6.73 -9.45 29.83
CA LYS A 91 5.50 -9.42 30.61
C LYS A 91 4.86 -8.06 30.41
N VAL A 92 3.67 -8.06 29.80
CA VAL A 92 2.96 -6.85 29.34
C VAL A 92 1.62 -6.62 30.04
N MSE A 93 1.46 -5.43 30.60
CA MSE A 93 0.21 -5.01 31.23
C MSE A 93 -0.55 -4.16 30.20
O MSE A 93 0.04 -3.31 29.56
CB MSE A 93 0.51 -4.20 32.48
CG MSE A 93 -0.74 -3.75 33.21
SE MSE A 93 -0.29 -2.92 34.84
CE MSE A 93 0.42 -4.44 35.79
N LEU A 94 -1.85 -4.43 30.06
CA LEU A 94 -2.73 -3.75 29.12
C LEU A 94 -3.64 -2.87 29.93
N LEU A 95 -3.62 -1.56 29.66
CA LEU A 95 -4.53 -0.61 30.28
C LEU A 95 -5.61 -0.24 29.25
N VAL A 96 -6.86 -0.17 29.69
CA VAL A 96 -8.00 0.12 28.82
C VAL A 96 -9.10 0.95 29.53
N SER A 97 -9.82 1.76 28.77
CA SER A 97 -10.95 2.53 29.29
C SER A 97 -12.23 2.02 28.63
N GLN A 98 -13.08 2.86 28.04
CA GLN A 98 -14.40 2.42 27.53
C GLN A 98 -14.38 1.59 26.24
N SER A 99 -13.43 1.83 25.34
CA SER A 99 -13.39 1.09 24.06
C SER A 99 -12.30 0.01 24.04
N ASP A 100 -12.68 -1.23 23.75
CA ASP A 100 -11.71 -2.36 23.70
C ASP A 100 -11.05 -2.60 22.31
N HIS A 101 -11.15 -1.66 21.38
CA HIS A 101 -10.65 -1.91 20.01
C HIS A 101 -9.17 -2.27 19.92
N CYS A 102 -8.31 -1.54 20.64
CA CYS A 102 -6.88 -1.84 20.66
C CYS A 102 -6.58 -3.10 21.47
N LEU A 103 -7.27 -3.25 22.58
CA LEU A 103 -7.14 -4.39 23.47
C LEU A 103 -7.52 -5.68 22.74
N ALA A 104 -8.65 -5.68 22.00
CA ALA A 104 -9.11 -6.89 21.30
C ALA A 104 -8.09 -7.34 20.24
N ASP A 105 -7.53 -6.36 19.53
CA ASP A 105 -6.56 -6.58 18.50
C ASP A 105 -5.26 -7.15 19.05
N ILE A 106 -4.80 -6.56 20.16
CA ILE A 106 -3.60 -7.06 20.82
C ILE A 106 -3.82 -8.49 21.31
N LEU A 107 -4.95 -8.74 21.97
CA LEU A 107 -5.26 -10.09 22.48
C LEU A 107 -5.41 -11.11 21.34
N TYR A 108 -6.03 -10.69 20.23
CA TYR A 108 -6.15 -11.54 19.03
C TYR A 108 -4.77 -11.89 18.47
N ARG A 109 -3.94 -10.86 18.26
CA ARG A 109 -2.58 -11.05 17.73
C ARG A 109 -1.71 -11.93 18.65
N TRP A 110 -1.87 -11.77 19.95
CA TRP A 110 -1.17 -12.64 20.92
C TRP A 110 -1.64 -14.09 20.82
N ARG A 111 -2.96 -14.30 20.82
CA ARG A 111 -3.51 -15.66 20.75
C ARG A 111 -3.15 -16.44 19.48
N VAL A 112 -3.07 -15.75 18.33
CA VAL A 112 -2.71 -16.39 17.07
C VAL A 112 -1.18 -16.46 16.81
N GLY A 113 -0.32 -16.04 17.75
CA GLY A 113 1.15 -16.13 17.61
C GLY A 113 1.89 -14.99 16.91
N ASP A 114 1.21 -13.89 16.65
CA ASP A 114 1.83 -12.73 16.01
C ASP A 114 2.60 -11.81 16.95
N LEU A 115 2.20 -11.75 18.23
CA LEU A 115 2.90 -10.98 19.25
C LEU A 115 3.36 -11.97 20.30
N HIS A 116 4.67 -12.01 20.53
CA HIS A 116 5.33 -12.91 21.49
CA HIS A 116 5.24 -12.92 21.53
C HIS A 116 5.39 -12.13 22.82
N MSE A 117 4.53 -12.46 23.77
CA MSE A 117 4.44 -11.81 25.08
C MSE A 117 3.62 -12.64 26.03
O MSE A 117 2.98 -13.60 25.63
CB MSE A 117 3.75 -10.43 24.89
CG MSE A 117 2.44 -10.50 24.08
SE MSE A 117 1.36 -8.84 24.09
CE MSE A 117 0.50 -9.07 25.75
N ILE A 118 3.67 -12.27 27.32
CA ILE A 118 2.86 -12.87 28.39
C ILE A 118 2.02 -11.70 28.94
N PRO A 119 0.70 -11.67 28.67
CA PRO A 119 -0.13 -10.62 29.28
C PRO A 119 -0.26 -10.89 30.78
N THR A 120 0.24 -9.98 31.61
CA THR A 120 0.17 -10.15 33.07
C THR A 120 -1.20 -9.76 33.61
N ALA A 121 -1.82 -8.75 33.00
CA ALA A 121 -3.10 -8.27 33.47
C ALA A 121 -3.71 -7.20 32.58
N ILE A 122 -5.03 -7.11 32.67
CA ILE A 122 -5.83 -6.09 32.01
C ILE A 122 -6.32 -5.21 33.17
N VAL A 123 -5.95 -3.95 33.16
CA VAL A 123 -6.34 -2.98 34.19
C VAL A 123 -7.22 -1.97 33.49
N SER A 124 -8.31 -1.58 34.12
CA SER A 124 -9.21 -0.54 33.62
C SER A 124 -9.73 0.35 34.73
N ASN A 125 -10.07 1.58 34.35
CA ASN A 125 -10.78 2.51 35.22
C ASN A 125 -12.31 2.24 35.17
N HIS A 126 -12.75 1.29 34.32
CA HIS A 126 -14.15 0.88 34.21
C HIS A 126 -14.31 -0.61 34.62
N PRO A 127 -15.53 -1.03 35.05
CA PRO A 127 -15.69 -2.41 35.50
C PRO A 127 -15.70 -3.46 34.38
N ARG A 128 -15.51 -4.71 34.77
CA ARG A 128 -15.47 -5.89 33.85
C ARG A 128 -16.70 -5.99 32.93
N GLU A 129 -17.89 -5.67 33.46
CA GLU A 129 -19.16 -5.65 32.67
C GLU A 129 -19.21 -4.64 31.49
N THR A 130 -18.26 -3.70 31.43
CA THR A 130 -18.08 -2.78 30.29
C THR A 130 -17.61 -3.54 29.02
N PHE A 131 -16.90 -4.65 29.21
CA PHE A 131 -16.28 -5.40 28.13
C PHE A 131 -16.93 -6.71 27.71
N SER A 132 -16.95 -6.95 26.39
CA SER A 132 -17.48 -8.19 25.82
CA SER A 132 -17.47 -8.20 25.82
C SER A 132 -16.65 -9.39 26.31
N GLY A 133 -15.37 -9.14 26.60
CA GLY A 133 -14.46 -10.15 27.15
C GLY A 133 -13.93 -11.21 26.22
N PHE A 134 -14.09 -11.00 24.90
CA PHE A 134 -13.62 -11.96 23.90
C PHE A 134 -12.08 -11.95 23.95
N ASP A 135 -11.50 -13.15 24.01
CA ASP A 135 -10.04 -13.34 24.14
C ASP A 135 -9.39 -12.97 25.48
N PHE A 136 -10.17 -12.54 26.48
CA PHE A 136 -9.64 -12.27 27.86
C PHE A 136 -9.14 -13.58 28.49
N GLY A 137 -9.95 -14.64 28.33
CA GLY A 137 -9.62 -15.98 28.82
C GLY A 137 -9.31 -15.95 30.29
N ASP A 138 -8.13 -16.45 30.66
CA ASP A 138 -7.66 -16.47 32.05
C ASP A 138 -6.74 -15.28 32.39
N ILE A 139 -6.69 -14.21 31.58
CA ILE A 139 -5.85 -13.04 31.93
C ILE A 139 -6.48 -12.30 33.11
N PRO A 140 -5.72 -12.03 34.20
CA PRO A 140 -6.31 -11.31 35.33
C PRO A 140 -6.83 -9.93 34.95
N PHE A 141 -8.09 -9.68 35.31
CA PHE A 141 -8.75 -8.38 35.14
C PHE A 141 -8.87 -7.67 36.50
N TYR A 142 -8.63 -6.37 36.46
CA TYR A 142 -8.73 -5.52 37.64
C TYR A 142 -9.36 -4.18 37.31
N HIS A 143 -10.39 -3.81 38.06
CA HIS A 143 -11.06 -2.51 37.94
C HIS A 143 -10.43 -1.67 39.03
N PHE A 144 -9.54 -0.75 38.63
CA PHE A 144 -8.92 0.23 39.53
C PHE A 144 -9.57 1.57 39.18
N PRO A 145 -10.67 1.96 39.88
CA PRO A 145 -11.30 3.25 39.55
C PRO A 145 -10.45 4.47 39.93
N VAL A 146 -10.66 5.58 39.21
CA VAL A 146 -9.94 6.83 39.47
C VAL A 146 -10.79 8.05 39.17
N ASN A 147 -10.55 9.12 39.92
CA ASN A 147 -11.19 10.41 39.73
C ASN A 147 -10.17 11.52 40.04
N LYS A 148 -10.61 12.78 39.97
CA LYS A 148 -9.75 13.96 40.21
C LYS A 148 -8.89 13.89 41.49
N ASP A 149 -9.46 13.35 42.58
CA ASP A 149 -8.80 13.23 43.90
C ASP A 149 -8.12 11.90 44.25
N THR A 150 -8.38 10.81 43.50
CA THR A 150 -7.79 9.48 43.82
C THR A 150 -6.67 9.02 42.89
N ARG A 151 -6.14 9.93 42.07
CA ARG A 151 -5.09 9.60 41.11
C ARG A 151 -3.83 9.00 41.74
N ARG A 152 -3.36 9.57 42.85
CA ARG A 152 -2.17 9.05 43.55
C ARG A 152 -2.40 7.61 44.03
N GLN A 153 -3.54 7.34 44.67
CA GLN A 153 -3.85 5.98 45.16
C GLN A 153 -4.04 4.93 44.06
N GLN A 154 -4.67 5.33 42.95
CA GLN A 154 -4.88 4.43 41.80
C GLN A 154 -3.54 4.07 41.14
N GLU A 155 -2.69 5.08 40.91
CA GLU A 155 -1.34 4.86 40.34
C GLU A 155 -0.46 4.04 41.27
N ALA A 156 -0.63 4.20 42.59
CA ALA A 156 0.07 3.38 43.59
C ALA A 156 -0.34 1.89 43.44
N ALA A 157 -1.63 1.66 43.18
CA ALA A 157 -2.15 0.31 42.92
C ALA A 157 -1.55 -0.25 41.63
N ILE A 158 -1.48 0.56 40.58
CA ILE A 158 -0.90 0.15 39.27
C ILE A 158 0.61 -0.13 39.46
N THR A 159 1.34 0.82 40.07
CA THR A 159 2.78 0.68 40.38
C THR A 159 3.08 -0.55 41.24
N ALA A 160 2.24 -0.84 42.23
CA ALA A 160 2.36 -2.07 43.03
C ALA A 160 2.07 -3.34 42.21
N LEU A 161 1.10 -3.29 41.26
CA LEU A 161 0.79 -4.44 40.39
C LEU A 161 1.93 -4.75 39.41
N ILE A 162 2.52 -3.71 38.83
CA ILE A 162 3.68 -3.81 37.92
C ILE A 162 4.88 -4.55 38.59
N ALA A 163 5.17 -4.17 39.84
CA ALA A 163 6.21 -4.78 40.67
C ALA A 163 5.92 -6.24 41.02
N GLN A 164 4.70 -6.52 41.48
CA GLN A 164 4.23 -7.87 41.84
C GLN A 164 4.30 -8.85 40.66
N THR A 165 3.80 -8.40 39.51
CA THR A 165 3.70 -9.20 38.28
C THR A 165 4.96 -9.29 37.43
N HIS A 166 5.99 -8.52 37.80
CA HIS A 166 7.26 -8.43 37.06
C HIS A 166 7.05 -7.94 35.61
N THR A 167 6.23 -6.90 35.49
CA THR A 167 5.86 -6.34 34.19
C THR A 167 6.99 -5.50 33.59
N ASP A 168 7.33 -5.79 32.33
CA ASP A 168 8.38 -5.07 31.58
C ASP A 168 7.84 -3.95 30.70
N LEU A 169 6.55 -4.02 30.32
CA LEU A 169 5.92 -3.03 29.42
C LEU A 169 4.43 -2.78 29.72
N VAL A 170 4.03 -1.50 29.75
CA VAL A 170 2.65 -1.08 29.91
C VAL A 170 2.14 -0.52 28.58
N VAL A 171 1.03 -1.03 28.06
CA VAL A 171 0.42 -0.54 26.83
C VAL A 171 -0.86 0.19 27.23
N LEU A 172 -0.99 1.44 26.80
CA LEU A 172 -2.22 2.22 26.98
C LEU A 172 -3.07 1.93 25.74
N ALA A 173 -3.94 0.93 25.86
CA ALA A 173 -4.82 0.44 24.78
C ALA A 173 -6.01 1.38 24.66
N ARG A 174 -5.71 2.63 24.30
CA ARG A 174 -6.66 3.73 24.30
C ARG A 174 -7.24 3.96 25.70
N TYR A 175 -6.35 3.92 26.70
CA TYR A 175 -6.66 4.25 28.11
C TYR A 175 -6.80 5.77 28.09
N MSE A 176 -7.89 6.29 28.65
CA MSE A 176 -8.20 7.74 28.56
CA MSE A 176 -8.25 7.73 28.56
C MSE A 176 -7.90 8.62 29.78
O MSE A 176 -8.25 9.80 29.81
CB MSE A 176 -9.67 7.88 28.12
CB MSE A 176 -9.75 7.84 28.20
CG MSE A 176 -9.98 7.22 26.78
CG MSE A 176 -10.12 7.11 26.88
SE MSE A 176 -8.83 7.86 25.33
SE MSE A 176 -11.99 7.24 26.27
CE MSE A 176 -9.43 9.72 25.34
CE MSE A 176 -12.90 6.42 27.76
N GLN A 177 -7.23 8.06 30.79
CA GLN A 177 -6.82 8.84 31.97
C GLN A 177 -5.36 9.22 31.77
N ILE A 178 -5.01 10.45 32.14
CA ILE A 178 -3.64 10.97 31.97
C ILE A 178 -2.78 10.48 33.13
N LEU A 179 -1.67 9.82 32.79
CA LEU A 179 -0.71 9.36 33.77
C LEU A 179 0.04 10.56 34.30
N SER A 180 0.31 10.59 35.62
CA SER A 180 1.07 11.69 36.25
C SER A 180 2.50 11.77 35.70
N ASP A 181 3.16 12.92 35.92
CA ASP A 181 4.56 13.12 35.45
C ASP A 181 5.54 12.11 36.06
N GLU A 182 5.36 11.81 37.35
CA GLU A 182 6.21 10.83 38.06
C GLU A 182 5.97 9.41 37.55
N MSE A 183 4.69 9.04 37.38
CA MSE A 183 4.29 7.74 36.78
C MSE A 183 4.88 7.57 35.38
O MSE A 183 5.38 6.50 35.03
CB MSE A 183 2.76 7.66 36.71
CG MSE A 183 2.16 6.36 36.21
SE MSE A 183 2.49 4.92 37.42
CE MSE A 183 1.54 3.53 36.41
N SER A 184 4.80 8.63 34.57
CA SER A 184 5.37 8.66 33.21
C SER A 184 6.88 8.44 33.26
N ALA A 185 7.54 9.17 34.18
CA ALA A 185 9.00 9.10 34.40
C ALA A 185 9.46 7.71 34.81
N ARG A 186 8.71 7.06 35.71
CA ARG A 186 8.98 5.66 36.12
C ARG A 186 8.90 4.66 34.95
N LEU A 187 7.99 4.91 34.01
CA LEU A 187 7.76 4.03 32.84
C LEU A 187 8.44 4.48 31.53
N ALA A 188 9.42 5.40 31.60
CA ALA A 188 10.17 5.90 30.43
C ALA A 188 10.73 4.73 29.62
N GLY A 189 10.47 4.75 28.31
CA GLY A 189 10.85 3.65 27.42
C GLY A 189 10.11 2.33 27.60
N ARG A 190 9.14 2.28 28.53
CA ARG A 190 8.36 1.08 28.89
C ARG A 190 6.83 1.30 28.94
N CYS A 191 6.35 2.36 28.30
CA CYS A 191 4.92 2.66 28.23
C CYS A 191 4.61 3.22 26.84
N ILE A 192 3.74 2.52 26.09
CA ILE A 192 3.37 2.85 24.68
C ILE A 192 1.92 3.32 24.69
N ASN A 193 1.69 4.49 24.06
CA ASN A 193 0.35 5.08 23.90
C ASN A 193 0.01 5.16 22.41
N ILE A 194 -1.27 5.31 22.12
CA ILE A 194 -1.77 5.41 20.76
C ILE A 194 -2.77 6.58 20.69
N HIS A 195 -2.75 7.34 19.60
CA HIS A 195 -3.80 8.35 19.37
C HIS A 195 -3.99 8.58 17.86
N HIS A 196 -5.23 8.85 17.46
N HIS A 196 -5.20 8.96 17.50
CA HIS A 196 -5.57 9.11 16.04
CA HIS A 196 -5.62 9.25 16.15
C HIS A 196 -5.61 10.59 15.76
C HIS A 196 -5.21 10.62 15.79
N SER A 197 -5.36 10.94 14.50
CA SER A 197 -5.41 12.33 14.01
C SER A 197 -5.70 12.40 12.51
N PHE A 198 -5.68 13.62 12.01
CA PHE A 198 -5.95 13.92 10.62
C PHE A 198 -4.86 14.83 10.03
N LEU A 199 -4.95 15.02 8.72
CA LEU A 199 -4.09 15.93 7.99
C LEU A 199 -5.05 16.98 7.47
N PRO A 200 -5.17 18.13 8.18
CA PRO A 200 -4.49 18.57 9.42
C PRO A 200 -5.27 18.10 10.66
N GLY A 201 -4.65 18.26 11.84
CA GLY A 201 -5.30 17.93 13.11
C GLY A 201 -6.39 18.93 13.49
N PHE A 202 -7.22 18.53 14.45
CA PHE A 202 -8.31 19.39 14.94
C PHE A 202 -8.33 19.39 16.48
N LYS A 203 -8.75 20.52 17.04
CA LYS A 203 -8.84 20.72 18.49
C LYS A 203 -10.24 21.26 18.83
N GLY A 204 -10.69 21.01 20.05
CA GLY A 204 -11.99 21.50 20.55
C GLY A 204 -13.14 20.53 20.50
N ALA A 205 -14.36 21.06 20.65
CA ALA A 205 -15.59 20.25 20.64
C ALA A 205 -15.81 19.59 19.28
N LYS A 206 -16.40 18.39 19.33
CA LYS A 206 -16.73 17.56 18.16
CA LYS A 206 -16.73 17.58 18.16
C LYS A 206 -15.58 17.48 17.12
N PRO A 207 -14.42 16.86 17.50
CA PRO A 207 -13.27 16.74 16.56
C PRO A 207 -13.52 15.88 15.29
N TYR A 208 -14.35 14.84 15.42
N TYR A 208 -14.32 14.83 15.42
CA TYR A 208 -14.74 13.99 14.29
CA TYR A 208 -14.71 13.99 14.29
C TYR A 208 -15.63 14.77 13.32
C TYR A 208 -15.67 14.70 13.32
N HIS A 209 -16.56 15.55 13.85
CA HIS A 209 -17.46 16.38 13.01
C HIS A 209 -16.64 17.44 12.26
N GLN A 210 -15.59 18.00 12.88
CA GLN A 210 -14.69 18.95 12.20
C GLN A 210 -13.93 18.30 11.02
N ALA A 211 -13.45 17.06 11.21
CA ALA A 211 -12.78 16.28 10.15
C ALA A 211 -13.75 15.99 9.00
N PHE A 212 -14.94 15.54 9.36
CA PHE A 212 -16.01 15.26 8.41
C PHE A 212 -16.37 16.52 7.60
N ASP A 213 -16.49 17.65 8.31
CA ASP A 213 -16.78 18.95 7.68
C ASP A 213 -15.64 19.44 6.79
N ARG A 214 -14.41 19.10 7.14
CA ARG A 214 -13.24 19.49 6.33
C ARG A 214 -13.09 18.67 5.04
N GLY A 215 -13.71 17.49 4.94
CA GLY A 215 -13.59 16.67 3.74
C GLY A 215 -12.29 15.91 3.58
N VAL A 216 -11.65 15.52 4.69
CA VAL A 216 -10.40 14.77 4.65
C VAL A 216 -10.54 13.45 3.86
N LYS A 217 -9.41 13.04 3.30
CA LYS A 217 -9.35 11.79 2.54
C LYS A 217 -8.46 10.75 3.23
N LEU A 218 -7.97 11.08 4.43
CA LEU A 218 -7.13 10.22 5.24
C LEU A 218 -7.41 10.43 6.73
N ILE A 219 -7.19 9.36 7.50
CA ILE A 219 -7.20 9.38 8.94
C ILE A 219 -5.91 8.61 9.33
N GLY A 220 -5.21 9.14 10.33
CA GLY A 220 -3.92 8.65 10.78
C GLY A 220 -3.93 8.28 12.26
N ALA A 221 -2.91 7.53 12.67
CA ALA A 221 -2.66 7.20 14.05
C ALA A 221 -1.18 7.22 14.30
N THR A 222 -0.80 7.56 15.54
CA THR A 222 0.58 7.66 16.00
C THR A 222 0.74 6.85 17.29
N ALA A 223 1.67 5.89 17.30
CA ALA A 223 2.03 5.14 18.49
C ALA A 223 3.32 5.79 19.00
N HIS A 224 3.41 6.00 20.30
CA HIS A 224 4.58 6.67 20.89
C HIS A 224 4.85 6.26 22.34
N TYR A 225 6.08 6.48 22.78
CA TYR A 225 6.43 6.30 24.18
C TYR A 225 5.91 7.49 24.96
N VAL A 226 5.43 7.24 26.17
CA VAL A 226 4.83 8.28 27.01
C VAL A 226 5.87 9.12 27.71
N THR A 227 5.66 10.43 27.73
CA THR A 227 6.50 11.40 28.47
C THR A 227 5.56 12.33 29.26
N SER A 228 6.13 13.34 29.93
CA SER A 228 5.35 14.37 30.67
C SER A 228 4.45 15.26 29.79
N ALA A 229 4.77 15.36 28.50
CA ALA A 229 3.96 16.13 27.54
C ALA A 229 2.81 15.24 27.09
N LEU A 230 1.57 15.71 27.25
CA LEU A 230 0.37 14.92 26.87
C LEU A 230 0.37 14.57 25.36
N ASP A 231 0.45 13.27 25.05
CA ASP A 231 0.44 12.72 23.67
C ASP A 231 1.60 13.20 22.74
N GLU A 232 2.76 13.58 23.31
CA GLU A 232 3.93 14.09 22.53
C GLU A 232 5.31 13.44 22.77
N GLY A 233 5.33 12.18 23.18
CA GLY A 233 6.61 11.48 23.40
C GLY A 233 7.23 10.92 22.13
N PRO A 234 8.33 10.17 22.26
CA PRO A 234 9.01 9.61 21.07
C PRO A 234 8.11 8.70 20.19
N ILE A 235 7.97 9.10 18.93
CA ILE A 235 7.12 8.41 17.97
C ILE A 235 7.77 7.09 17.51
N ILE A 236 7.03 6.00 17.65
CA ILE A 236 7.47 4.66 17.25
C ILE A 236 7.00 4.34 15.84
N ASP A 237 5.73 4.65 15.56
CA ASP A 237 5.13 4.31 14.28
C ASP A 237 3.94 5.21 14.00
N GLN A 238 3.69 5.41 12.72
CA GLN A 238 2.55 6.16 12.23
C GLN A 238 2.08 5.49 10.95
N ASP A 239 0.77 5.55 10.71
CA ASP A 239 0.21 5.07 9.46
C ASP A 239 -1.14 5.73 9.25
N VAL A 240 -1.68 5.57 8.04
CA VAL A 240 -2.97 6.12 7.66
C VAL A 240 -3.87 5.12 6.98
N GLU A 241 -5.16 5.43 6.96
CA GLU A 241 -6.08 4.74 6.05
C GLU A 241 -6.99 5.77 5.34
N ARG A 242 -7.58 5.33 4.23
CA ARG A 242 -8.38 6.17 3.38
C ARG A 242 -9.70 6.58 4.02
N ILE A 243 -10.13 7.81 3.75
CA ILE A 243 -11.44 8.36 4.11
C ILE A 243 -12.07 8.86 2.79
N SER A 244 -13.36 8.62 2.58
CA SER A 244 -14.03 9.07 1.37
C SER A 244 -15.24 9.90 1.71
N HIS A 245 -15.79 10.50 0.67
CA HIS A 245 -17.08 11.25 0.76
C HIS A 245 -18.24 10.42 1.35
N ARG A 246 -18.13 9.09 1.23
CA ARG A 246 -19.15 8.17 1.74
C ARG A 246 -19.13 8.00 3.26
N ASP A 247 -18.05 8.37 3.92
CA ASP A 247 -17.92 8.15 5.36
C ASP A 247 -18.64 9.21 6.19
N THR A 248 -19.57 8.77 7.02
CA THR A 248 -20.28 9.61 7.99
C THR A 248 -19.37 9.87 9.21
N PRO A 249 -19.73 10.82 10.11
CA PRO A 249 -18.92 11.00 11.34
C PRO A 249 -18.78 9.68 12.16
N ALA A 250 -19.84 8.87 12.21
CA ALA A 250 -19.78 7.55 12.88
C ALA A 250 -18.79 6.62 12.14
N ASP A 251 -18.73 6.70 10.81
CA ASP A 251 -17.75 5.94 10.02
C ASP A 251 -16.31 6.41 10.35
N LEU A 252 -16.11 7.72 10.55
CA LEU A 252 -14.78 8.25 10.90
C LEU A 252 -14.33 7.68 12.23
N VAL A 253 -15.26 7.56 13.20
CA VAL A 253 -14.99 6.97 14.52
C VAL A 253 -14.49 5.51 14.35
N ARG A 254 -15.22 4.71 13.57
CA ARG A 254 -14.85 3.29 13.27
C ARG A 254 -13.45 3.14 12.64
N LYS A 255 -13.20 3.94 11.61
CA LYS A 255 -11.93 3.97 10.91
C LYS A 255 -10.79 4.47 11.78
N GLY A 256 -11.07 5.44 12.66
CA GLY A 256 -10.11 5.91 13.65
C GLY A 256 -9.71 4.76 14.57
N ARG A 257 -10.68 3.99 15.06
CA ARG A 257 -10.40 2.80 15.88
CA ARG A 257 -10.40 2.78 15.88
C ARG A 257 -9.55 1.76 15.10
N ASP A 258 -9.91 1.56 13.83
CA ASP A 258 -9.19 0.62 12.99
C ASP A 258 -7.71 1.03 12.78
N ILE A 259 -7.44 2.29 12.43
CA ILE A 259 -6.08 2.78 12.24
C ILE A 259 -5.32 2.79 13.59
N GLU A 260 -6.01 3.12 14.67
CA GLU A 260 -5.37 3.05 16.01
C GLU A 260 -4.88 1.65 16.40
N ARG A 261 -5.74 0.66 16.22
CA ARG A 261 -5.36 -0.71 16.56
C ARG A 261 -4.27 -1.24 15.65
N ARG A 262 -4.37 -0.90 14.37
CA ARG A 262 -3.33 -1.35 13.43
C ARG A 262 -1.94 -0.79 13.77
N VAL A 263 -1.90 0.50 14.08
CA VAL A 263 -0.63 1.19 14.40
C VAL A 263 -0.12 0.77 15.77
N LEU A 264 -1.00 0.68 16.76
CA LEU A 264 -0.57 0.24 18.10
C LEU A 264 -0.01 -1.20 18.06
N SER A 265 -0.70 -2.12 17.40
CA SER A 265 -0.23 -3.52 17.31
C SER A 265 1.11 -3.66 16.57
N ARG A 266 1.32 -2.84 15.53
CA ARG A 266 2.58 -2.87 14.82
C ARG A 266 3.72 -2.29 15.70
N ALA A 267 3.47 -1.13 16.32
CA ALA A 267 4.44 -0.50 17.23
C ALA A 267 4.85 -1.48 18.35
N LEU A 268 3.86 -2.20 18.90
CA LEU A 268 4.08 -3.17 19.97
C LEU A 268 4.94 -4.33 19.46
N HIS A 269 4.63 -4.79 18.24
CA HIS A 269 5.45 -5.81 17.58
C HIS A 269 6.92 -5.34 17.48
N TYR A 270 7.16 -4.12 16.99
CA TYR A 270 8.54 -3.60 16.90
C TYR A 270 9.24 -3.58 18.27
N HIS A 271 8.53 -3.13 19.29
CA HIS A 271 9.07 -3.09 20.66
C HIS A 271 9.41 -4.50 21.15
N LEU A 272 8.48 -5.43 20.99
CA LEU A 272 8.68 -6.82 21.43
C LEU A 272 9.77 -7.58 20.64
N ASP A 273 10.02 -7.17 19.40
CA ASP A 273 11.03 -7.78 18.57
C ASP A 273 12.41 -7.06 18.70
N ASP A 274 12.58 -6.20 19.71
CA ASP A 274 13.81 -5.48 19.98
C ASP A 274 14.32 -4.65 18.80
N ARG A 275 13.39 -3.95 18.16
CA ARG A 275 13.66 -3.14 17.00
C ARG A 275 13.62 -1.64 17.24
N VAL A 276 13.29 -1.20 18.47
CA VAL A 276 13.13 0.21 18.76
C VAL A 276 14.19 0.65 19.75
N ILE A 277 14.88 1.74 19.41
CA ILE A 277 15.88 2.33 20.29
C ILE A 277 15.57 3.82 20.39
N LEU A 278 15.53 4.33 21.62
CA LEU A 278 15.30 5.75 21.86
C LEU A 278 16.46 6.61 21.36
N ASN A 279 16.11 7.72 20.70
CA ASN A 279 17.07 8.68 20.15
C ASN A 279 16.62 10.08 20.59
N GLY A 280 16.82 10.38 21.87
CA GLY A 280 16.36 11.65 22.47
C GLY A 280 14.84 11.73 22.46
N ARG A 281 14.28 12.65 21.68
CA ARG A 281 12.83 12.83 21.51
C ARG A 281 12.27 11.98 20.34
N LYS A 282 13.16 11.26 19.65
CA LYS A 282 12.83 10.45 18.50
C LYS A 282 13.20 9.01 18.79
N THR A 283 12.90 8.13 17.83
CA THR A 283 13.31 6.75 17.88
C THR A 283 14.05 6.34 16.62
N VAL A 284 14.85 5.29 16.78
CA VAL A 284 15.48 4.59 15.70
C VAL A 284 14.69 3.26 15.68
N VAL A 285 14.10 2.94 14.53
CA VAL A 285 13.36 1.69 14.37
C VAL A 285 13.96 0.85 13.24
N PHE A 286 14.55 -0.29 13.57
CA PHE A 286 15.15 -1.18 12.58
C PHE A 286 14.04 -2.15 12.07
N THR A 287 13.46 -1.86 10.92
CA THR A 287 12.35 -2.65 10.34
C THR A 287 12.90 -3.76 9.42
N ASP A 288 11.99 -4.47 8.74
CA ASP A 288 12.23 -5.58 7.79
C ASP A 288 12.48 -6.90 8.51
N HIS B 4 -34.88 4.22 10.20
CA HIS B 4 -35.22 4.14 8.77
C HIS B 4 -34.41 3.03 8.08
N HIS B 5 -35.06 1.94 7.67
CA HIS B 5 -34.36 0.81 7.06
C HIS B 5 -33.73 1.15 5.69
N GLN B 6 -32.51 0.70 5.43
CA GLN B 6 -31.88 0.85 4.12
C GLN B 6 -31.94 -0.53 3.48
N TYR B 7 -32.05 -0.59 2.17
CA TYR B 7 -32.12 -1.86 1.43
C TYR B 7 -31.09 -1.77 0.34
N VAL B 8 -30.69 -2.94 -0.17
CA VAL B 8 -29.73 -3.03 -1.24
C VAL B 8 -30.23 -3.99 -2.27
N LEU B 9 -30.07 -3.60 -3.53
CA LEU B 9 -30.47 -4.41 -4.66
C LEU B 9 -29.23 -4.55 -5.51
N THR B 10 -28.97 -5.78 -5.95
CA THR B 10 -27.92 -6.07 -6.90
C THR B 10 -28.55 -6.90 -8.00
N LEU B 11 -27.98 -6.77 -9.21
CA LEU B 11 -28.52 -7.46 -10.37
C LEU B 11 -27.57 -7.54 -11.51
N SER B 12 -27.79 -8.56 -12.33
CA SER B 12 -27.12 -8.67 -13.60
C SER B 12 -28.12 -9.20 -14.63
N CYS B 13 -27.94 -8.79 -15.88
CA CYS B 13 -28.80 -9.20 -16.97
C CYS B 13 -28.17 -8.91 -18.34
N PRO B 14 -28.71 -9.51 -19.44
CA PRO B 14 -28.21 -9.17 -20.78
C PRO B 14 -28.34 -7.67 -21.03
N ASP B 15 -27.34 -7.07 -21.66
CA ASP B 15 -27.33 -5.63 -21.88
C ASP B 15 -28.47 -5.33 -22.83
N ARG B 16 -29.16 -4.25 -22.50
CA ARG B 16 -30.35 -3.81 -23.20
C ARG B 16 -30.52 -2.34 -22.82
N ALA B 17 -31.19 -1.61 -23.69
CA ALA B 17 -31.43 -0.19 -23.48
C ALA B 17 -32.40 -0.01 -22.34
N GLY B 18 -32.23 1.05 -21.55
CA GLY B 18 -33.18 1.42 -20.50
C GLY B 18 -33.29 0.60 -19.24
N ILE B 19 -32.20 -0.08 -18.85
CA ILE B 19 -32.18 -0.86 -17.59
C ILE B 19 -32.19 0.10 -16.42
N VAL B 20 -31.31 1.09 -16.45
CA VAL B 20 -31.21 2.05 -15.33
C VAL B 20 -32.53 2.81 -15.20
N SER B 21 -33.11 3.20 -16.34
CA SER B 21 -34.42 3.87 -16.40
C SER B 21 -35.50 3.01 -15.72
N ALA B 22 -35.58 1.74 -16.08
CA ALA B 22 -36.57 0.80 -15.51
C ALA B 22 -36.41 0.61 -13.99
N VAL B 23 -35.18 0.41 -13.55
CA VAL B 23 -34.90 0.14 -12.14
C VAL B 23 -35.13 1.37 -11.27
N SER B 24 -34.58 2.52 -11.68
CA SER B 24 -34.75 3.78 -10.91
C SER B 24 -36.21 4.31 -10.92
N THR B 25 -36.91 4.13 -12.04
CA THR B 25 -38.31 4.53 -12.16
C THR B 25 -39.14 3.69 -11.21
N PHE B 26 -38.85 2.38 -11.15
CA PHE B 26 -39.53 1.50 -10.20
C PHE B 26 -39.35 2.03 -8.76
N LEU B 27 -38.11 2.32 -8.36
CA LEU B 27 -37.84 2.79 -6.99
C LEU B 27 -38.51 4.13 -6.73
N PHE B 28 -38.47 5.01 -7.74
CA PHE B 28 -39.08 6.33 -7.66
C PHE B 28 -40.62 6.27 -7.49
N GLU B 29 -41.28 5.56 -8.41
CA GLU B 29 -42.75 5.34 -8.39
C GLU B 29 -43.22 4.59 -7.14
N ASN B 30 -42.35 3.75 -6.56
CA ASN B 30 -42.62 3.06 -5.27
C ASN B 30 -42.16 3.89 -4.06
N GLY B 31 -41.94 5.18 -4.23
CA GLY B 31 -41.67 6.05 -3.12
C GLY B 31 -40.39 5.89 -2.34
N GLN B 32 -39.38 5.33 -2.99
CA GLN B 32 -38.04 5.12 -2.42
C GLN B 32 -37.07 6.18 -2.95
N ASN B 33 -35.93 6.28 -2.28
CA ASN B 33 -34.89 7.25 -2.59
C ASN B 33 -33.52 6.58 -2.65
N ILE B 34 -32.74 6.89 -3.67
CA ILE B 34 -31.45 6.26 -3.87
C ILE B 34 -30.40 6.95 -3.02
N LEU B 35 -29.67 6.17 -2.20
CA LEU B 35 -28.57 6.66 -1.32
C LEU B 35 -27.21 6.52 -2.00
N ASP B 36 -26.99 5.40 -2.66
CA ASP B 36 -25.74 5.07 -3.34
CA ASP B 36 -25.79 5.21 -3.46
C ASP B 36 -26.04 4.04 -4.41
N ALA B 37 -25.43 4.17 -5.59
CA ALA B 37 -25.63 3.24 -6.64
C ALA B 37 -24.47 3.25 -7.59
N GLN B 38 -24.27 2.11 -8.22
CA GLN B 38 -23.20 1.90 -9.20
CA GLN B 38 -23.18 1.86 -9.14
C GLN B 38 -23.72 1.03 -10.32
N GLN B 39 -23.28 1.33 -11.54
CA GLN B 39 -23.65 0.54 -12.74
C GLN B 39 -22.41 0.32 -13.61
N TYR B 40 -22.36 -0.86 -14.24
CA TYR B 40 -21.27 -1.24 -15.12
C TYR B 40 -21.79 -2.11 -16.25
N ASN B 41 -21.36 -1.77 -17.47
CA ASN B 41 -21.75 -2.49 -18.67
C ASN B 41 -20.55 -3.24 -19.18
N ASP B 42 -20.57 -4.57 -19.10
CA ASP B 42 -19.48 -5.37 -19.66
C ASP B 42 -19.80 -5.57 -21.14
N THR B 43 -19.20 -4.74 -21.99
CA THR B 43 -19.49 -4.79 -23.43
C THR B 43 -18.93 -6.05 -24.12
N GLU B 44 -17.95 -6.70 -23.50
CA GLU B 44 -17.37 -7.94 -24.02
C GLU B 44 -18.30 -9.14 -23.78
N SER B 45 -18.88 -9.27 -22.59
CA SER B 45 -19.83 -10.35 -22.28
C SER B 45 -21.30 -9.98 -22.56
N GLY B 46 -21.58 -8.71 -22.91
CA GLY B 46 -22.93 -8.24 -23.21
C GLY B 46 -23.86 -8.28 -22.01
N HIS B 47 -23.30 -8.03 -20.81
CA HIS B 47 -24.06 -8.05 -19.57
C HIS B 47 -23.95 -6.74 -18.81
N PHE B 48 -25.04 -6.39 -18.14
CA PHE B 48 -25.16 -5.16 -17.35
C PHE B 48 -25.24 -5.51 -15.89
N PHE B 49 -24.67 -4.65 -15.05
CA PHE B 49 -24.54 -4.89 -13.62
C PHE B 49 -24.93 -3.65 -12.84
N MSE B 50 -25.69 -3.83 -11.76
CA MSE B 50 -26.08 -2.71 -10.90
C MSE B 50 -26.14 -3.09 -9.44
O MSE B 50 -26.54 -4.21 -9.11
CB MSE B 50 -27.48 -2.17 -11.18
CG MSE B 50 -27.79 -1.70 -12.51
SE MSE B 50 -29.54 -0.62 -12.39
CE MSE B 50 -29.37 0.66 -11.12
N ARG B 51 -25.75 -2.15 -8.60
CA ARG B 51 -25.91 -2.18 -7.16
C ARG B 51 -26.62 -0.87 -6.79
N VAL B 52 -27.72 -0.94 -6.04
CA VAL B 52 -28.42 0.25 -5.57
CA VAL B 52 -28.49 0.22 -5.59
C VAL B 52 -28.84 0.06 -4.12
N VAL B 53 -28.49 1.06 -3.31
CA VAL B 53 -28.80 1.12 -1.92
C VAL B 53 -29.85 2.23 -1.82
N PHE B 54 -30.96 1.94 -1.16
CA PHE B 54 -32.07 2.89 -1.06
C PHE B 54 -32.83 2.77 0.24
N ASN B 55 -33.65 3.78 0.50
CA ASN B 55 -34.52 3.80 1.65
C ASN B 55 -35.83 4.51 1.30
N ALA B 56 -36.79 4.38 2.21
CA ALA B 56 -38.10 4.97 2.07
C ALA B 56 -38.01 6.50 2.04
N ALA B 57 -38.77 7.09 1.12
CA ALA B 57 -38.99 8.54 1.04
C ALA B 57 -40.51 8.75 1.22
N ALA B 58 -41.30 8.90 0.14
CA ALA B 58 -42.75 9.16 0.26
C ALA B 58 -43.65 7.97 0.70
N LYS B 59 -43.16 6.75 0.52
CA LYS B 59 -43.89 5.52 0.88
C LYS B 59 -42.97 4.57 1.64
N VAL B 60 -43.49 3.99 2.73
CA VAL B 60 -42.79 2.96 3.48
C VAL B 60 -43.41 1.68 2.95
N ILE B 61 -42.66 0.96 2.09
CA ILE B 61 -43.09 -0.32 1.50
CA ILE B 61 -43.09 -0.31 1.51
C ILE B 61 -42.21 -1.43 2.10
N PRO B 62 -42.81 -2.44 2.77
CA PRO B 62 -41.94 -3.50 3.32
C PRO B 62 -41.21 -4.30 2.23
N LEU B 63 -40.06 -4.91 2.58
CA LEU B 63 -39.21 -5.66 1.65
C LEU B 63 -39.99 -6.65 0.79
N ALA B 64 -40.81 -7.49 1.46
CA ALA B 64 -41.62 -8.51 0.76
C ALA B 64 -42.46 -7.90 -0.36
N SER B 65 -43.02 -6.69 -0.16
CA SER B 65 -43.83 -6.06 -1.21
CA SER B 65 -43.83 -6.03 -1.21
C SER B 65 -42.95 -5.53 -2.35
N LEU B 66 -41.85 -4.86 -1.99
CA LEU B 66 -40.91 -4.33 -2.98
C LEU B 66 -40.42 -5.47 -3.90
N ARG B 67 -40.00 -6.60 -3.31
CA ARG B 67 -39.57 -7.83 -4.08
C ARG B 67 -40.59 -8.30 -5.07
N THR B 68 -41.85 -8.42 -4.62
CA THR B 68 -42.97 -8.81 -5.50
C THR B 68 -43.05 -7.82 -6.65
N GLY B 69 -43.10 -6.54 -6.30
CA GLY B 69 -43.08 -5.46 -7.28
C GLY B 69 -41.91 -5.53 -8.24
N PHE B 70 -40.70 -5.60 -7.69
CA PHE B 70 -39.50 -5.62 -8.52
C PHE B 70 -39.37 -6.86 -9.38
N GLY B 71 -39.89 -7.99 -8.91
CA GLY B 71 -39.94 -9.25 -9.69
C GLY B 71 -40.57 -9.15 -11.07
N VAL B 72 -41.50 -8.21 -11.25
CA VAL B 72 -42.14 -7.97 -12.56
C VAL B 72 -41.09 -7.44 -13.54
N ILE B 73 -40.25 -6.49 -13.08
CA ILE B 73 -39.16 -5.91 -13.87
C ILE B 73 -38.07 -6.95 -14.11
N ALA B 74 -37.64 -7.63 -13.04
CA ALA B 74 -36.59 -8.66 -13.13
C ALA B 74 -36.90 -9.70 -14.18
N ALA B 75 -38.15 -10.16 -14.20
CA ALA B 75 -38.58 -11.16 -15.16
C ALA B 75 -38.51 -10.64 -16.59
N LYS B 76 -39.07 -9.45 -16.85
CA LYS B 76 -39.04 -8.84 -18.17
CA LYS B 76 -39.03 -8.78 -18.17
C LYS B 76 -37.61 -8.65 -18.72
N PHE B 77 -36.67 -8.22 -17.85
CA PHE B 77 -35.25 -8.00 -18.24
C PHE B 77 -34.33 -9.24 -18.06
N THR B 78 -34.88 -10.39 -17.67
CA THR B 78 -34.11 -11.63 -17.43
C THR B 78 -32.98 -11.37 -16.45
N MSE B 79 -33.31 -10.73 -15.33
CA MSE B 79 -32.33 -10.41 -14.30
C MSE B 79 -32.13 -11.51 -13.28
O MSE B 79 -33.11 -12.17 -12.87
CB MSE B 79 -32.74 -9.15 -13.52
CG MSE B 79 -32.80 -7.92 -14.35
SE MSE B 79 -33.55 -6.51 -13.30
CE MSE B 79 -33.31 -5.07 -14.59
N GLY B 80 -30.87 -11.68 -12.91
CA GLY B 80 -30.47 -12.47 -11.76
C GLY B 80 -30.33 -11.35 -10.75
N TRP B 81 -31.04 -11.43 -9.63
CA TRP B 81 -31.08 -10.33 -8.69
C TRP B 81 -31.29 -10.75 -7.26
N HIS B 82 -31.03 -9.81 -6.37
CA HIS B 82 -31.22 -10.00 -4.95
C HIS B 82 -31.50 -8.65 -4.29
N MSE B 83 -32.54 -8.59 -3.45
CA MSE B 83 -32.88 -7.39 -2.70
C MSE B 83 -32.99 -7.81 -1.23
O MSE B 83 -33.68 -8.80 -0.93
CB MSE B 83 -34.18 -6.76 -3.19
CG MSE B 83 -34.66 -5.49 -2.46
SE MSE B 83 -36.35 -4.93 -3.14
CE MSE B 83 -35.77 -4.35 -4.87
N ARG B 84 -32.33 -7.08 -0.34
CA ARG B 84 -32.43 -7.36 1.07
C ARG B 84 -32.28 -6.11 1.91
N ASP B 85 -32.64 -6.26 3.17
CA ASP B 85 -32.47 -5.22 4.16
C ASP B 85 -31.00 -5.29 4.56
N ARG B 86 -30.33 -4.13 4.51
CA ARG B 86 -28.90 -4.02 4.88
CA ARG B 86 -28.90 -4.06 4.88
C ARG B 86 -28.66 -4.53 6.31
N GLU B 87 -29.68 -4.41 7.18
CA GLU B 87 -29.57 -4.89 8.58
C GLU B 87 -29.64 -6.42 8.77
N THR B 88 -30.22 -7.13 7.81
CA THR B 88 -30.36 -8.59 7.91
C THR B 88 -29.02 -9.25 7.63
N ARG B 89 -28.44 -9.89 8.65
CA ARG B 89 -27.16 -10.57 8.47
C ARG B 89 -27.31 -11.93 7.73
N ARG B 90 -26.43 -12.18 6.78
CA ARG B 90 -26.38 -13.52 6.13
C ARG B 90 -25.92 -14.59 7.13
N LYS B 91 -26.48 -15.79 6.99
CA LYS B 91 -26.12 -16.95 7.82
C LYS B 91 -24.94 -17.60 7.09
N VAL B 92 -23.79 -17.63 7.77
CA VAL B 92 -22.52 -18.13 7.23
C VAL B 92 -22.01 -19.38 7.98
N MSE B 93 -21.75 -20.47 7.24
CA MSE B 93 -21.14 -21.69 7.77
C MSE B 93 -19.63 -21.71 7.43
O MSE B 93 -19.25 -21.38 6.32
CB MSE B 93 -21.82 -22.90 7.15
CG MSE B 93 -21.24 -24.30 7.62
SE MSE B 93 -22.29 -25.67 6.80
CE MSE B 93 -23.87 -25.34 7.87
N LEU B 94 -18.80 -22.11 8.38
CA LEU B 94 -17.35 -22.11 8.21
C LEU B 94 -16.91 -23.55 8.20
N LEU B 95 -16.29 -23.98 7.11
CA LEU B 95 -15.71 -25.30 7.02
C LEU B 95 -14.18 -25.19 7.24
N VAL B 96 -13.63 -26.05 8.09
CA VAL B 96 -12.18 -26.09 8.40
C VAL B 96 -11.66 -27.50 8.49
N SER B 97 -10.38 -27.71 8.18
CA SER B 97 -9.73 -29.00 8.29
C SER B 97 -8.65 -29.04 9.40
N GLN B 98 -7.48 -28.45 9.15
CA GLN B 98 -6.38 -28.43 10.14
CA GLN B 98 -6.36 -28.43 10.12
C GLN B 98 -5.94 -27.01 10.47
N SER B 99 -5.64 -26.21 9.44
CA SER B 99 -5.21 -24.83 9.60
C SER B 99 -6.31 -23.99 10.24
N ASP B 100 -5.98 -23.29 11.32
CA ASP B 100 -6.97 -22.51 12.07
C ASP B 100 -6.93 -20.98 11.85
N HIS B 101 -6.10 -20.51 10.93
CA HIS B 101 -5.84 -19.09 10.75
C HIS B 101 -6.95 -18.29 10.11
N CYS B 102 -7.56 -18.85 9.07
CA CYS B 102 -8.70 -18.21 8.43
C CYS B 102 -9.89 -18.25 9.40
N LEU B 103 -10.16 -19.41 10.01
CA LEU B 103 -11.24 -19.53 11.03
C LEU B 103 -11.08 -18.47 12.15
N ALA B 104 -9.90 -18.42 12.75
CA ALA B 104 -9.62 -17.44 13.83
C ALA B 104 -9.81 -16.00 13.34
N ASP B 105 -9.33 -15.69 12.14
CA ASP B 105 -9.50 -14.31 11.63
C ASP B 105 -10.93 -13.90 11.34
N ILE B 106 -11.70 -14.80 10.74
CA ILE B 106 -13.12 -14.55 10.44
C ILE B 106 -13.88 -14.29 11.74
N LEU B 107 -13.64 -15.12 12.75
CA LEU B 107 -14.30 -14.97 14.07
C LEU B 107 -13.93 -13.68 14.74
N TYR B 108 -12.66 -13.28 14.66
CA TYR B 108 -12.22 -12.00 15.22
C TYR B 108 -12.95 -10.86 14.50
N ARG B 109 -12.92 -10.86 13.16
CA ARG B 109 -13.55 -9.81 12.36
C ARG B 109 -15.05 -9.74 12.57
N TRP B 110 -15.69 -10.90 12.73
CA TRP B 110 -17.11 -10.96 13.10
C TRP B 110 -17.33 -10.34 14.49
N ARG B 111 -16.56 -10.80 15.48
CA ARG B 111 -16.70 -10.30 16.87
C ARG B 111 -16.52 -8.77 17.02
N VAL B 112 -15.64 -8.15 16.24
CA VAL B 112 -15.39 -6.71 16.36
C VAL B 112 -16.25 -5.83 15.45
N GLY B 113 -17.21 -6.42 14.72
CA GLY B 113 -18.12 -5.67 13.88
C GLY B 113 -17.71 -5.38 12.46
N ASP B 114 -16.60 -5.98 11.98
CA ASP B 114 -16.12 -5.79 10.60
C ASP B 114 -16.78 -6.68 9.54
N LEU B 115 -17.25 -7.87 9.95
CA LEU B 115 -18.00 -8.78 9.08
C LEU B 115 -19.43 -8.85 9.63
N HIS B 116 -20.39 -8.37 8.85
CA HIS B 116 -21.81 -8.35 9.22
CA HIS B 116 -21.78 -8.40 9.32
C HIS B 116 -22.42 -9.71 8.83
N MSE B 117 -22.41 -10.66 9.76
CA MSE B 117 -22.90 -12.02 9.55
C MSE B 117 -23.34 -12.68 10.86
O MSE B 117 -23.06 -12.16 11.93
CB MSE B 117 -21.76 -12.87 8.95
CG MSE B 117 -20.43 -12.79 9.72
SE MSE B 117 -19.04 -13.95 9.05
CE MSE B 117 -19.40 -15.41 10.14
N ILE B 118 -24.03 -13.81 10.71
CA ILE B 118 -24.44 -14.68 11.81
C ILE B 118 -23.79 -16.04 11.52
N PRO B 119 -22.72 -16.40 12.26
CA PRO B 119 -22.15 -17.74 12.03
C PRO B 119 -23.10 -18.83 12.47
N THR B 120 -23.51 -19.69 11.54
CA THR B 120 -24.43 -20.80 11.83
C THR B 120 -23.74 -22.02 12.44
N ALA B 121 -22.55 -22.33 11.97
CA ALA B 121 -21.82 -23.49 12.45
C ALA B 121 -20.39 -23.45 11.97
N ILE B 122 -19.53 -24.15 12.71
CA ILE B 122 -18.16 -24.45 12.32
C ILE B 122 -18.22 -25.97 12.05
N VAL B 123 -17.87 -26.37 10.83
CA VAL B 123 -17.93 -27.75 10.38
C VAL B 123 -16.54 -28.26 9.99
N SER B 124 -16.17 -29.46 10.47
CA SER B 124 -14.89 -30.05 10.15
C SER B 124 -14.95 -31.53 9.86
N ASN B 125 -13.98 -31.97 9.06
CA ASN B 125 -13.75 -33.39 8.80
C ASN B 125 -12.84 -34.03 9.87
N HIS B 126 -12.36 -33.21 10.82
CA HIS B 126 -11.54 -33.66 11.93
C HIS B 126 -12.21 -33.34 13.27
N PRO B 127 -11.89 -34.11 14.32
CA PRO B 127 -12.54 -33.88 15.61
C PRO B 127 -12.27 -32.53 16.23
N ARG B 128 -13.17 -32.12 17.13
CA ARG B 128 -13.06 -30.83 17.83
C ARG B 128 -11.76 -30.66 18.57
N GLU B 129 -11.31 -31.71 19.25
CA GLU B 129 -10.08 -31.63 20.07
C GLU B 129 -8.76 -31.52 19.28
N THR B 130 -8.81 -31.63 17.94
CA THR B 130 -7.65 -31.34 17.08
C THR B 130 -7.42 -29.82 16.94
N PHE B 131 -8.42 -29.01 17.32
CA PHE B 131 -8.36 -27.54 17.38
C PHE B 131 -8.14 -27.14 18.84
N SER B 132 -7.30 -26.13 19.07
CA SER B 132 -7.00 -25.68 20.46
C SER B 132 -6.88 -24.16 20.54
N GLY B 133 -7.24 -23.65 21.71
CA GLY B 133 -7.22 -22.23 21.98
C GLY B 133 -8.45 -21.52 21.47
N PHE B 134 -9.55 -22.23 21.30
CA PHE B 134 -10.80 -21.65 20.83
C PHE B 134 -11.95 -21.84 21.79
N ASP B 135 -12.75 -20.78 21.93
CA ASP B 135 -14.02 -20.82 22.63
C ASP B 135 -15.02 -20.27 21.62
N PHE B 136 -15.77 -21.15 20.97
CA PHE B 136 -16.78 -20.76 19.97
C PHE B 136 -18.08 -20.20 20.55
N GLY B 137 -18.21 -20.22 21.88
CA GLY B 137 -19.38 -19.70 22.58
C GLY B 137 -20.64 -20.40 22.14
N ASP B 138 -21.57 -19.64 21.53
CA ASP B 138 -22.83 -20.21 21.06
C ASP B 138 -22.83 -20.66 19.60
N ILE B 139 -21.66 -20.72 18.97
CA ILE B 139 -21.53 -21.18 17.58
C ILE B 139 -21.20 -22.68 17.70
N PRO B 140 -22.09 -23.55 17.18
CA PRO B 140 -21.85 -24.99 17.31
C PRO B 140 -20.79 -25.51 16.33
N PHE B 141 -19.98 -26.43 16.84
CA PHE B 141 -18.96 -27.13 16.09
C PHE B 141 -19.50 -28.52 15.78
N TYR B 142 -19.34 -28.96 14.52
CA TYR B 142 -19.75 -30.27 14.05
C TYR B 142 -18.58 -31.00 13.41
N HIS B 143 -18.41 -32.27 13.78
CA HIS B 143 -17.41 -33.17 13.18
C HIS B 143 -18.16 -34.16 12.28
N PHE B 144 -17.98 -34.02 10.95
CA PHE B 144 -18.53 -34.93 9.96
C PHE B 144 -17.34 -35.67 9.29
N PRO B 145 -16.97 -36.87 9.80
CA PRO B 145 -15.84 -37.57 9.19
C PRO B 145 -16.13 -38.01 7.75
N VAL B 146 -15.06 -38.20 6.97
CA VAL B 146 -15.17 -38.61 5.58
C VAL B 146 -13.89 -39.31 5.12
N ASN B 147 -14.08 -40.26 4.21
CA ASN B 147 -12.99 -40.98 3.54
C ASN B 147 -13.38 -41.12 2.06
N LYS B 148 -12.52 -41.74 1.26
CA LYS B 148 -12.78 -41.92 -0.19
C LYS B 148 -14.11 -42.59 -0.54
N ASP B 149 -14.64 -43.43 0.36
CA ASP B 149 -15.89 -44.16 0.16
C ASP B 149 -17.16 -43.58 0.82
N THR B 150 -17.05 -42.53 1.64
CA THR B 150 -18.21 -41.96 2.35
C THR B 150 -18.51 -40.48 2.03
N ARG B 151 -18.00 -39.97 0.91
CA ARG B 151 -18.20 -38.56 0.53
C ARG B 151 -19.68 -38.23 0.33
N ARG B 152 -20.44 -39.13 -0.27
CA ARG B 152 -21.88 -38.91 -0.50
C ARG B 152 -22.63 -38.72 0.84
N GLN B 153 -22.33 -39.57 1.82
CA GLN B 153 -22.95 -39.51 3.15
C GLN B 153 -22.57 -38.22 3.87
N GLN B 154 -21.29 -37.87 3.81
CA GLN B 154 -20.80 -36.67 4.48
C GLN B 154 -21.36 -35.38 3.84
N GLU B 155 -21.38 -35.32 2.51
CA GLU B 155 -21.96 -34.16 1.81
C GLU B 155 -23.47 -34.02 2.09
N ALA B 156 -24.17 -35.14 2.15
CA ALA B 156 -25.59 -35.16 2.49
C ALA B 156 -25.79 -34.58 3.90
N ALA B 157 -24.89 -34.92 4.84
CA ALA B 157 -24.98 -34.41 6.21
C ALA B 157 -24.76 -32.91 6.27
N ILE B 158 -23.75 -32.40 5.53
CA ILE B 158 -23.46 -30.96 5.46
C ILE B 158 -24.65 -30.21 4.81
N THR B 159 -25.15 -30.76 3.69
CA THR B 159 -26.29 -30.21 2.98
C THR B 159 -27.52 -30.12 3.87
N ALA B 160 -27.78 -31.15 4.68
CA ALA B 160 -28.93 -31.11 5.59
C ALA B 160 -28.77 -30.02 6.61
N LEU B 161 -27.56 -29.86 7.17
CA LEU B 161 -27.27 -28.78 8.14
C LEU B 161 -27.42 -27.38 7.51
N ILE B 162 -26.95 -27.19 6.28
CA ILE B 162 -27.13 -25.93 5.55
C ILE B 162 -28.64 -25.55 5.47
N ALA B 163 -29.47 -26.54 5.14
CA ALA B 163 -30.92 -26.38 5.15
C ALA B 163 -31.54 -26.12 6.54
N GLN B 164 -31.14 -26.93 7.53
CA GLN B 164 -31.68 -26.83 8.91
C GLN B 164 -31.39 -25.43 9.48
N THR B 165 -30.18 -24.91 9.20
CA THR B 165 -29.71 -23.64 9.70
C THR B 165 -30.01 -22.46 8.76
N HIS B 166 -30.68 -22.71 7.64
CA HIS B 166 -30.93 -21.67 6.59
C HIS B 166 -29.68 -20.87 6.23
N THR B 167 -28.57 -21.58 6.04
CA THR B 167 -27.28 -20.98 5.68
C THR B 167 -27.29 -20.36 4.25
N ASP B 168 -26.83 -19.11 4.13
CA ASP B 168 -26.76 -18.36 2.87
C ASP B 168 -25.39 -18.48 2.23
N LEU B 169 -24.34 -18.64 3.04
CA LEU B 169 -22.98 -18.72 2.54
C LEU B 169 -22.12 -19.76 3.26
N VAL B 170 -21.33 -20.50 2.51
CA VAL B 170 -20.39 -21.49 3.02
C VAL B 170 -19.00 -20.98 2.72
N VAL B 171 -18.13 -20.95 3.72
CA VAL B 171 -16.74 -20.48 3.56
C VAL B 171 -15.85 -21.68 3.81
N LEU B 172 -15.03 -21.99 2.82
CA LEU B 172 -14.03 -23.03 2.94
C LEU B 172 -12.77 -22.35 3.49
N ALA B 173 -12.65 -22.33 4.82
CA ALA B 173 -11.50 -21.64 5.52
C ALA B 173 -10.34 -22.65 5.63
N ARG B 174 -9.72 -22.93 4.49
CA ARG B 174 -8.68 -23.98 4.32
CA ARG B 174 -8.68 -23.97 4.37
C ARG B 174 -9.22 -25.38 4.65
N TYR B 175 -10.45 -25.63 4.20
CA TYR B 175 -11.07 -26.93 4.27
C TYR B 175 -10.41 -27.67 3.10
N MSE B 176 -9.90 -28.87 3.36
CA MSE B 176 -9.08 -29.61 2.40
C MSE B 176 -9.76 -30.71 1.61
O MSE B 176 -9.17 -31.22 0.65
CB MSE B 176 -7.80 -30.11 3.11
CG MSE B 176 -6.99 -28.96 3.75
SE MSE B 176 -6.56 -27.50 2.50
CE MSE B 176 -5.28 -28.56 1.43
N GLN B 177 -11.00 -31.09 1.98
CA GLN B 177 -11.73 -32.10 1.21
CA GLN B 177 -11.76 -32.11 1.23
C GLN B 177 -12.34 -31.38 0.01
N ILE B 178 -12.26 -32.02 -1.16
CA ILE B 178 -12.77 -31.43 -2.40
C ILE B 178 -14.26 -31.67 -2.44
N LEU B 179 -15.02 -30.63 -2.77
CA LEU B 179 -16.46 -30.74 -2.90
C LEU B 179 -16.79 -31.43 -4.22
N SER B 180 -17.79 -32.33 -4.23
CA SER B 180 -18.23 -32.97 -5.48
C SER B 180 -18.77 -31.91 -6.44
N ASP B 181 -18.83 -32.26 -7.73
CA ASP B 181 -19.36 -31.36 -8.77
C ASP B 181 -20.79 -30.95 -8.45
N GLU B 182 -21.58 -31.90 -7.95
CA GLU B 182 -23.00 -31.65 -7.61
C GLU B 182 -23.13 -30.71 -6.42
N MSE B 183 -22.32 -30.95 -5.38
CA MSE B 183 -22.36 -30.05 -4.21
CA MSE B 183 -22.25 -30.07 -4.18
C MSE B 183 -21.87 -28.65 -4.60
O MSE B 183 -22.48 -27.67 -4.18
CB MSE B 183 -21.60 -30.57 -3.00
CB MSE B 183 -21.19 -30.62 -3.20
CG MSE B 183 -21.79 -29.66 -1.77
CG MSE B 183 -21.05 -29.90 -1.85
SE MSE B 183 -21.21 -30.52 -0.15
SE MSE B 183 -22.62 -30.19 -0.78
CE MSE B 183 -21.30 -28.96 1.03
CE MSE B 183 -22.01 -29.44 0.91
N SER B 184 -20.81 -28.55 -5.41
CA SER B 184 -20.31 -27.25 -5.91
C SER B 184 -21.39 -26.55 -6.70
N ALA B 185 -22.08 -27.30 -7.57
CA ALA B 185 -23.20 -26.77 -8.38
C ALA B 185 -24.33 -26.23 -7.50
N ARG B 186 -24.73 -26.97 -6.46
CA ARG B 186 -25.78 -26.48 -5.52
C ARG B 186 -25.40 -25.19 -4.76
N LEU B 187 -24.09 -25.00 -4.54
CA LEU B 187 -23.55 -23.84 -3.85
C LEU B 187 -22.98 -22.75 -4.79
N ALA B 188 -23.41 -22.70 -6.06
CA ALA B 188 -22.96 -21.68 -7.03
C ALA B 188 -23.23 -20.27 -6.50
N GLY B 189 -22.20 -19.44 -6.50
CA GLY B 189 -22.30 -18.09 -5.97
C GLY B 189 -22.49 -17.95 -4.46
N ARG B 190 -22.46 -19.07 -3.72
CA ARG B 190 -22.68 -19.13 -2.26
C ARG B 190 -21.61 -19.96 -1.51
N CYS B 191 -20.43 -20.12 -2.10
CA CYS B 191 -19.34 -20.88 -1.48
C CYS B 191 -18.01 -20.23 -1.89
N ILE B 192 -17.26 -19.75 -0.91
CA ILE B 192 -16.00 -19.01 -1.14
C ILE B 192 -14.84 -19.79 -0.60
N ASN B 193 -13.80 -19.96 -1.41
CA ASN B 193 -12.57 -20.67 -1.05
C ASN B 193 -11.38 -19.67 -1.04
N ILE B 194 -10.28 -20.05 -0.39
CA ILE B 194 -9.05 -19.31 -0.34
C ILE B 194 -7.86 -20.26 -0.64
N HIS B 195 -6.89 -19.78 -1.42
CA HIS B 195 -5.65 -20.51 -1.64
C HIS B 195 -4.51 -19.56 -1.93
N HIS B 196 -3.29 -20.07 -1.70
CA HIS B 196 -2.07 -19.34 -1.90
C HIS B 196 -1.86 -19.16 -3.40
N SER B 197 -1.08 -18.15 -3.73
CA SER B 197 -0.74 -17.84 -5.11
C SER B 197 0.69 -17.27 -5.11
N PHE B 198 1.52 -17.69 -6.05
CA PHE B 198 2.87 -17.17 -6.21
C PHE B 198 3.09 -16.51 -7.56
N LEU B 199 4.11 -15.63 -7.58
CA LEU B 199 4.61 -14.97 -8.76
C LEU B 199 6.10 -15.37 -8.98
N PRO B 200 6.38 -16.29 -9.94
CA PRO B 200 5.47 -17.05 -10.82
C PRO B 200 4.88 -18.24 -10.03
N GLY B 201 3.94 -18.96 -10.64
CA GLY B 201 3.30 -20.10 -9.96
C GLY B 201 4.23 -21.30 -9.81
N PHE B 202 4.06 -22.07 -8.72
CA PHE B 202 4.82 -23.30 -8.51
C PHE B 202 3.82 -24.45 -8.54
N LYS B 203 4.19 -25.53 -9.24
CA LYS B 203 3.35 -26.72 -9.40
C LYS B 203 4.09 -27.95 -8.93
N GLY B 204 3.35 -28.87 -8.32
CA GLY B 204 3.90 -30.10 -7.77
C GLY B 204 4.09 -30.01 -6.27
N ALA B 205 4.89 -30.94 -5.76
CA ALA B 205 5.15 -31.07 -4.33
C ALA B 205 5.97 -29.90 -3.75
N LYS B 206 5.62 -29.51 -2.52
CA LYS B 206 6.33 -28.49 -1.74
C LYS B 206 6.46 -27.10 -2.43
N PRO B 207 5.30 -26.46 -2.75
CA PRO B 207 5.34 -25.15 -3.43
C PRO B 207 6.02 -24.01 -2.62
N TYR B 208 5.91 -24.06 -1.28
CA TYR B 208 6.56 -23.08 -0.39
C TYR B 208 8.09 -23.22 -0.40
N HIS B 209 8.59 -24.45 -0.47
CA HIS B 209 10.05 -24.68 -0.54
C HIS B 209 10.60 -24.32 -1.94
N GLN B 210 9.82 -24.52 -3.00
CA GLN B 210 10.19 -24.09 -4.35
C GLN B 210 10.23 -22.55 -4.41
N ALA B 211 9.25 -21.87 -3.78
CA ALA B 211 9.20 -20.39 -3.74
C ALA B 211 10.43 -19.85 -3.00
N PHE B 212 10.73 -20.47 -1.86
CA PHE B 212 11.88 -20.11 -1.06
C PHE B 212 13.18 -20.25 -1.88
N ASP B 213 13.34 -21.39 -2.60
CA ASP B 213 14.53 -21.60 -3.46
C ASP B 213 14.58 -20.66 -4.67
N ARG B 214 13.42 -20.19 -5.14
CA ARG B 214 13.33 -19.27 -6.27
CA ARG B 214 13.34 -19.26 -6.28
C ARG B 214 13.69 -17.82 -5.87
N GLY B 215 13.63 -17.51 -4.57
CA GLY B 215 13.94 -16.17 -4.05
C GLY B 215 12.92 -15.10 -4.38
N VAL B 216 11.63 -15.45 -4.32
CA VAL B 216 10.53 -14.52 -4.62
C VAL B 216 10.48 -13.39 -3.58
N LYS B 217 9.93 -12.25 -3.98
CA LYS B 217 9.85 -11.10 -3.10
C LYS B 217 8.42 -10.82 -2.69
N LEU B 218 7.49 -11.71 -3.06
CA LEU B 218 6.06 -11.62 -2.77
CA LEU B 218 6.10 -11.61 -2.64
C LEU B 218 5.43 -12.99 -2.59
N ILE B 219 4.33 -13.02 -1.83
CA ILE B 219 3.50 -14.20 -1.66
C ILE B 219 2.09 -13.66 -1.80
N GLY B 220 1.25 -14.37 -2.54
CA GLY B 220 -0.14 -13.92 -2.75
C GLY B 220 -1.18 -14.92 -2.32
N ALA B 221 -2.44 -14.44 -2.36
CA ALA B 221 -3.60 -15.26 -2.06
C ALA B 221 -4.75 -14.86 -2.96
N THR B 222 -5.60 -15.83 -3.30
CA THR B 222 -6.76 -15.64 -4.16
C THR B 222 -8.01 -16.24 -3.49
N ALA B 223 -9.05 -15.42 -3.35
CA ALA B 223 -10.33 -15.84 -2.82
C ALA B 223 -11.23 -15.98 -4.04
N HIS B 224 -12.00 -17.05 -4.11
CA HIS B 224 -12.86 -17.27 -5.29
C HIS B 224 -14.08 -18.09 -4.96
N TYR B 225 -15.09 -18.00 -5.83
CA TYR B 225 -16.26 -18.87 -5.72
C TYR B 225 -15.88 -20.26 -6.22
N VAL B 226 -16.45 -21.28 -5.59
CA VAL B 226 -16.13 -22.67 -5.90
C VAL B 226 -16.96 -23.20 -7.09
N THR B 227 -16.28 -23.88 -8.01
CA THR B 227 -16.90 -24.58 -9.14
C THR B 227 -16.33 -26.02 -9.13
N SER B 228 -16.64 -26.78 -10.17
CA SER B 228 -16.08 -28.14 -10.34
C SER B 228 -14.58 -28.18 -10.66
N ALA B 229 -14.02 -27.07 -11.18
CA ALA B 229 -12.59 -26.99 -11.54
C ALA B 229 -11.79 -26.61 -10.27
N LEU B 230 -11.09 -27.60 -9.69
CA LEU B 230 -10.28 -27.46 -8.43
C LEU B 230 -9.48 -26.13 -8.36
N ASP B 231 -9.83 -25.27 -7.38
CA ASP B 231 -9.21 -23.93 -7.17
C ASP B 231 -9.30 -22.91 -8.35
N GLU B 232 -10.23 -23.14 -9.29
CA GLU B 232 -10.33 -22.32 -10.54
C GLU B 232 -11.63 -21.53 -10.82
N GLY B 233 -12.52 -21.42 -9.83
CA GLY B 233 -13.75 -20.68 -10.02
C GLY B 233 -13.58 -19.16 -10.05
N PRO B 234 -14.71 -18.41 -10.22
CA PRO B 234 -14.68 -16.95 -10.32
C PRO B 234 -13.92 -16.22 -9.18
N ILE B 235 -12.89 -15.47 -9.57
CA ILE B 235 -12.03 -14.76 -8.63
C ILE B 235 -12.75 -13.53 -8.09
N ILE B 236 -12.78 -13.42 -6.76
CA ILE B 236 -13.39 -12.31 -6.04
C ILE B 236 -12.34 -11.29 -5.65
N ASP B 237 -11.19 -11.76 -5.16
CA ASP B 237 -10.15 -10.87 -4.66
C ASP B 237 -8.79 -11.54 -4.64
N GLN B 238 -7.75 -10.74 -4.82
CA GLN B 238 -6.37 -11.18 -4.78
C GLN B 238 -5.51 -10.09 -4.18
N ASP B 239 -4.48 -10.48 -3.44
CA ASP B 239 -3.54 -9.52 -2.88
C ASP B 239 -2.25 -10.19 -2.56
N VAL B 240 -1.21 -9.40 -2.31
CA VAL B 240 0.10 -9.96 -1.98
C VAL B 240 0.68 -9.32 -0.75
N GLU B 241 1.66 -9.98 -0.16
CA GLU B 241 2.47 -9.33 0.87
C GLU B 241 3.97 -9.60 0.63
N ARG B 242 4.84 -8.75 1.17
CA ARG B 242 6.27 -8.80 0.88
C ARG B 242 6.98 -10.02 1.45
N ILE B 243 7.96 -10.53 0.70
CA ILE B 243 8.87 -11.58 1.16
C ILE B 243 10.28 -11.00 0.94
N SER B 244 11.20 -11.28 1.85
CA SER B 244 12.57 -10.87 1.70
C SER B 244 13.50 -12.06 1.87
N HIS B 245 14.76 -11.78 1.63
CA HIS B 245 15.86 -12.72 1.90
C HIS B 245 15.92 -13.23 3.37
N ARG B 246 15.36 -12.44 4.30
CA ARG B 246 15.31 -12.77 5.73
CA ARG B 246 15.35 -12.82 5.71
C ARG B 246 14.35 -13.91 6.04
N ASP B 247 13.31 -14.06 5.22
CA ASP B 247 12.29 -15.06 5.47
C ASP B 247 12.74 -16.50 5.25
N THR B 248 12.70 -17.29 6.32
CA THR B 248 12.97 -18.74 6.28
C THR B 248 11.74 -19.44 5.62
N PRO B 249 11.83 -20.76 5.30
CA PRO B 249 10.63 -21.46 4.80
C PRO B 249 9.48 -21.38 5.82
N ALA B 250 9.81 -21.51 7.11
CA ALA B 250 8.84 -21.33 8.22
C ALA B 250 8.19 -19.92 8.17
N ASP B 251 9.00 -18.89 7.85
CA ASP B 251 8.48 -17.53 7.69
C ASP B 251 7.52 -17.46 6.48
N LEU B 252 7.87 -18.12 5.35
CA LEU B 252 6.98 -18.14 4.17
C LEU B 252 5.62 -18.69 4.50
N VAL B 253 5.57 -19.81 5.24
CA VAL B 253 4.31 -20.44 5.69
C VAL B 253 3.47 -19.46 6.48
N ARG B 254 4.09 -18.81 7.48
CA ARG B 254 3.41 -17.81 8.31
CA ARG B 254 3.40 -17.82 8.31
C ARG B 254 2.88 -16.65 7.45
N LYS B 255 3.71 -16.15 6.52
CA LYS B 255 3.27 -15.05 5.64
C LYS B 255 2.18 -15.50 4.69
N GLY B 256 2.27 -16.75 4.20
CA GLY B 256 1.23 -17.40 3.36
C GLY B 256 -0.09 -17.45 4.13
N ARG B 257 -0.05 -17.86 5.41
CA ARG B 257 -1.26 -17.84 6.29
C ARG B 257 -1.83 -16.42 6.45
N ASP B 258 -0.93 -15.44 6.63
CA ASP B 258 -1.37 -14.07 6.83
C ASP B 258 -2.10 -13.45 5.61
N ILE B 259 -1.60 -13.69 4.39
CA ILE B 259 -2.21 -13.12 3.19
C ILE B 259 -3.47 -13.91 2.86
N GLU B 260 -3.43 -15.22 3.14
CA GLU B 260 -4.61 -16.05 2.96
C GLU B 260 -5.78 -15.54 3.83
N ARG B 261 -5.53 -15.33 5.13
CA ARG B 261 -6.64 -14.82 6.01
C ARG B 261 -7.06 -13.41 5.65
N ARG B 262 -6.10 -12.54 5.34
CA ARG B 262 -6.44 -11.19 4.86
C ARG B 262 -7.35 -11.14 3.61
N VAL B 263 -6.99 -11.92 2.59
CA VAL B 263 -7.72 -11.93 1.31
C VAL B 263 -9.10 -12.57 1.51
N LEU B 264 -9.17 -13.69 2.22
CA LEU B 264 -10.49 -14.33 2.46
C LEU B 264 -11.43 -13.42 3.25
N SER B 265 -10.93 -12.78 4.33
CA SER B 265 -11.81 -11.88 5.13
C SER B 265 -12.30 -10.65 4.34
N ARG B 266 -11.43 -10.08 3.50
CA ARG B 266 -11.81 -8.97 2.64
C ARG B 266 -12.85 -9.45 1.60
N ALA B 267 -12.59 -10.59 0.94
CA ALA B 267 -13.54 -11.18 -0.01
C ALA B 267 -14.93 -11.39 0.63
N LEU B 268 -14.92 -11.99 1.81
CA LEU B 268 -16.12 -12.22 2.61
C LEU B 268 -16.83 -10.89 2.90
N HIS B 269 -16.07 -9.85 3.24
CA HIS B 269 -16.67 -8.52 3.45
C HIS B 269 -17.36 -7.98 2.18
N TYR B 270 -16.73 -8.14 1.01
CA TYR B 270 -17.37 -7.71 -0.24
C TYR B 270 -18.68 -8.48 -0.48
N HIS B 271 -18.64 -9.79 -0.28
CA HIS B 271 -19.82 -10.64 -0.46
C HIS B 271 -20.95 -10.21 0.47
N LEU B 272 -20.60 -10.08 1.76
CA LEU B 272 -21.57 -9.72 2.80
C LEU B 272 -22.12 -8.31 2.66
N ASP B 273 -21.38 -7.42 1.99
CA ASP B 273 -21.83 -6.05 1.73
C ASP B 273 -22.55 -5.92 0.36
N ASP B 274 -22.89 -7.05 -0.30
CA ASP B 274 -23.59 -7.04 -1.58
C ASP B 274 -22.87 -6.21 -2.63
N ARG B 275 -21.57 -6.49 -2.75
CA ARG B 275 -20.69 -5.85 -3.71
C ARG B 275 -20.16 -6.78 -4.79
N VAL B 276 -20.45 -8.09 -4.73
CA VAL B 276 -19.94 -9.04 -5.69
C VAL B 276 -21.09 -9.59 -6.53
N ILE B 277 -20.94 -9.48 -7.84
CA ILE B 277 -21.90 -10.03 -8.79
C ILE B 277 -21.14 -10.92 -9.75
N LEU B 278 -21.63 -12.15 -9.95
CA LEU B 278 -21.02 -13.08 -10.91
C LEU B 278 -21.16 -12.60 -12.36
N ASN B 279 -20.12 -12.83 -13.14
CA ASN B 279 -20.06 -12.45 -14.56
C ASN B 279 -19.41 -13.62 -15.31
N GLY B 280 -20.18 -14.70 -15.48
CA GLY B 280 -19.71 -15.93 -16.15
C GLY B 280 -18.62 -16.59 -15.33
N ARG B 281 -17.40 -16.64 -15.87
CA ARG B 281 -16.23 -17.19 -15.16
C ARG B 281 -15.56 -16.14 -14.24
N LYS B 282 -16.08 -14.92 -14.18
CA LYS B 282 -15.45 -13.78 -13.49
C LYS B 282 -16.43 -13.11 -12.54
N THR B 283 -15.97 -12.05 -11.86
CA THR B 283 -16.82 -11.23 -11.01
C THR B 283 -16.71 -9.74 -11.34
N VAL B 284 -17.78 -9.02 -11.02
CA VAL B 284 -17.85 -7.57 -10.99
C VAL B 284 -17.88 -7.31 -9.47
N VAL B 285 -16.97 -6.48 -8.99
CA VAL B 285 -16.86 -6.13 -7.57
C VAL B 285 -16.91 -4.64 -7.47
N PHE B 286 -17.99 -4.13 -6.91
CA PHE B 286 -18.12 -2.69 -6.72
C PHE B 286 -17.42 -2.32 -5.41
N THR B 287 -16.17 -1.90 -5.50
CA THR B 287 -15.37 -1.66 -4.29
C THR B 287 -15.61 -0.28 -3.66
N ASP B 288 -15.10 -0.21 -2.43
CA ASP B 288 -14.92 0.97 -1.54
C ASP B 288 -14.87 0.36 -0.15
N HIS C 4 -17.12 4.74 -32.26
CA HIS C 4 -18.29 5.26 -31.50
C HIS C 4 -17.77 6.11 -30.32
N HIS C 5 -18.13 7.39 -30.28
CA HIS C 5 -17.67 8.30 -29.23
C HIS C 5 -18.34 7.97 -27.88
N GLN C 6 -17.60 8.15 -26.79
CA GLN C 6 -18.15 8.02 -25.43
C GLN C 6 -18.27 9.42 -24.85
N TYR C 7 -19.32 9.65 -24.06
CA TYR C 7 -19.59 10.95 -23.43
C TYR C 7 -19.66 10.76 -21.91
N VAL C 8 -19.34 11.81 -21.16
CA VAL C 8 -19.44 11.77 -19.70
C VAL C 8 -20.26 12.95 -19.22
N LEU C 9 -21.25 12.65 -18.37
CA LEU C 9 -22.10 13.60 -17.70
C LEU C 9 -21.79 13.54 -16.22
N THR C 10 -21.53 14.71 -15.63
CA THR C 10 -21.37 14.83 -14.18
C THR C 10 -22.35 15.88 -13.72
N LEU C 11 -22.86 15.72 -12.51
CA LEU C 11 -23.85 16.63 -11.96
C LEU C 11 -23.98 16.56 -10.46
N SER C 12 -24.41 17.67 -9.88
CA SER C 12 -24.80 17.74 -8.48
C SER C 12 -26.04 18.63 -8.39
N CYS C 13 -26.94 18.29 -7.46
CA CYS C 13 -28.14 19.10 -7.21
C CYS C 13 -28.72 18.80 -5.83
N PRO C 14 -29.66 19.66 -5.34
CA PRO C 14 -30.35 19.36 -4.08
C PRO C 14 -31.04 18.00 -4.21
N ASP C 15 -30.98 17.17 -3.16
CA ASP C 15 -31.52 15.82 -3.20
C ASP C 15 -33.03 15.92 -3.31
N ARG C 16 -33.58 14.99 -4.10
CA ARG C 16 -35.00 14.90 -4.39
C ARG C 16 -35.22 13.50 -5.01
N ALA C 17 -36.44 12.99 -4.86
CA ALA C 17 -36.82 11.71 -5.41
C ALA C 17 -36.79 11.80 -6.92
N GLY C 18 -36.38 10.71 -7.58
CA GLY C 18 -36.47 10.63 -9.04
C GLY C 18 -35.45 11.29 -9.91
N ILE C 19 -34.27 11.59 -9.36
CA ILE C 19 -33.17 12.19 -10.13
C ILE C 19 -32.60 11.14 -11.09
N VAL C 20 -32.31 9.95 -10.58
CA VAL C 20 -31.74 8.87 -11.42
C VAL C 20 -32.75 8.45 -12.51
N SER C 21 -34.03 8.38 -12.14
CA SER C 21 -35.12 8.14 -13.11
C SER C 21 -35.11 9.20 -14.23
N ALA C 22 -34.98 10.47 -13.87
CA ALA C 22 -35.02 11.57 -14.87
C ALA C 22 -33.81 11.54 -15.78
N VAL C 23 -32.62 11.35 -15.21
CA VAL C 23 -31.38 11.35 -15.98
C VAL C 23 -31.29 10.09 -16.89
N SER C 24 -31.54 8.92 -16.32
CA SER C 24 -31.48 7.67 -17.10
C SER C 24 -32.61 7.60 -18.15
N THR C 25 -33.81 8.10 -17.82
CA THR C 25 -34.91 8.08 -18.80
C THR C 25 -34.56 9.01 -19.97
N PHE C 26 -33.95 10.16 -19.67
CA PHE C 26 -33.49 11.07 -20.72
C PHE C 26 -32.53 10.38 -21.69
N LEU C 27 -31.54 9.66 -21.15
CA LEU C 27 -30.54 8.97 -21.99
C LEU C 27 -31.19 7.82 -22.79
N PHE C 28 -32.06 7.07 -22.13
CA PHE C 28 -32.81 5.97 -22.78
C PHE C 28 -33.71 6.48 -23.92
N GLU C 29 -34.53 7.49 -23.65
CA GLU C 29 -35.41 8.09 -24.67
C GLU C 29 -34.65 8.76 -25.81
N ASN C 30 -33.39 9.17 -25.57
CA ASN C 30 -32.50 9.74 -26.59
C ASN C 30 -31.56 8.71 -27.25
N GLY C 31 -31.89 7.43 -27.14
CA GLY C 31 -31.14 6.38 -27.81
C GLY C 31 -29.71 6.15 -27.39
N GLN C 32 -29.37 6.51 -26.15
CA GLN C 32 -28.03 6.32 -25.57
C GLN C 32 -28.03 5.10 -24.66
N ASN C 33 -26.84 4.55 -24.43
CA ASN C 33 -26.64 3.39 -23.58
C ASN C 33 -25.60 3.69 -22.50
N ILE C 34 -25.91 3.36 -21.26
CA ILE C 34 -25.04 3.61 -20.14
C ILE C 34 -23.94 2.52 -20.11
N LEU C 35 -22.69 2.97 -20.02
CA LEU C 35 -21.53 2.09 -19.95
C LEU C 35 -21.00 1.92 -18.50
N ASP C 36 -21.00 3.02 -17.75
CA ASP C 36 -20.43 3.08 -16.42
C ASP C 36 -21.09 4.28 -15.73
N ALA C 37 -21.59 4.08 -14.52
CA ALA C 37 -22.24 5.17 -13.80
C ALA C 37 -22.19 4.95 -12.30
N GLN C 38 -22.15 6.07 -11.57
CA GLN C 38 -22.11 6.07 -10.12
C GLN C 38 -22.99 7.19 -9.62
N GLN C 39 -23.66 6.94 -8.50
CA GLN C 39 -24.49 7.93 -7.84
C GLN C 39 -24.21 7.91 -6.34
N TYR C 40 -24.28 9.07 -5.73
CA TYR C 40 -24.11 9.20 -4.29
C TYR C 40 -24.99 10.30 -3.74
N ASN C 41 -25.63 9.99 -2.61
CA ASN C 41 -26.51 10.92 -1.94
C ASN C 41 -25.85 11.35 -0.64
N ASP C 42 -25.43 12.60 -0.58
CA ASP C 42 -24.90 13.16 0.65
C ASP C 42 -26.12 13.61 1.48
N THR C 43 -26.51 12.73 2.40
CA THR C 43 -27.68 12.97 3.26
C THR C 43 -27.46 14.01 4.36
N GLU C 44 -26.20 14.33 4.68
CA GLU C 44 -25.88 15.38 5.64
C GLU C 44 -26.10 16.75 4.99
N SER C 45 -25.60 16.95 3.77
CA SER C 45 -25.75 18.24 3.06
C SER C 45 -27.03 18.31 2.21
N GLY C 46 -27.68 17.17 1.96
CA GLY C 46 -28.90 17.11 1.14
C GLY C 46 -28.65 17.31 -0.36
N HIS C 47 -27.56 16.74 -0.86
CA HIS C 47 -27.16 16.90 -2.25
C HIS C 47 -26.88 15.54 -2.87
N PHE C 48 -27.23 15.43 -4.16
CA PHE C 48 -27.11 14.21 -4.93
C PHE C 48 -26.06 14.42 -6.01
N PHE C 49 -25.32 13.36 -6.31
CA PHE C 49 -24.19 13.41 -7.22
C PHE C 49 -24.22 12.24 -8.19
N MSE C 50 -23.96 12.50 -9.47
CA MSE C 50 -23.91 11.45 -10.48
C MSE C 50 -22.83 11.66 -11.49
O MSE C 50 -22.56 12.80 -11.89
CB MSE C 50 -25.20 11.33 -11.29
CG MSE C 50 -26.44 11.26 -10.54
SE MSE C 50 -27.95 10.87 -11.78
CE MSE C 50 -27.36 9.47 -12.67
N ARG C 51 -22.22 10.55 -11.90
CA ARG C 51 -21.29 10.47 -13.01
C ARG C 51 -21.84 9.37 -13.91
N VAL C 52 -22.05 9.69 -15.20
CA VAL C 52 -22.57 8.73 -16.15
C VAL C 52 -21.75 8.81 -17.45
N VAL C 53 -21.18 7.69 -17.85
CA VAL C 53 -20.47 7.51 -19.09
C VAL C 53 -21.43 6.73 -19.98
N PHE C 54 -21.66 7.24 -21.19
CA PHE C 54 -22.60 6.64 -22.15
C PHE C 54 -22.15 6.80 -23.61
N ASN C 55 -22.77 6.03 -24.48
CA ASN C 55 -22.52 6.12 -25.93
C ASN C 55 -23.83 5.90 -26.70
N ALA C 56 -23.76 6.11 -28.02
CA ALA C 56 -24.92 5.91 -28.90
C ALA C 56 -25.32 4.44 -28.92
N ALA C 57 -26.62 4.17 -28.86
CA ALA C 57 -27.18 2.83 -29.02
C ALA C 57 -28.11 2.91 -30.25
N ALA C 58 -29.43 3.05 -30.08
CA ALA C 58 -30.36 3.15 -31.22
C ALA C 58 -30.31 4.49 -31.98
N LYS C 59 -29.74 5.55 -31.38
CA LYS C 59 -29.66 6.88 -32.01
C LYS C 59 -28.29 7.53 -31.80
N VAL C 60 -27.67 8.01 -32.88
CA VAL C 60 -26.42 8.76 -32.80
C VAL C 60 -26.85 10.24 -32.74
N ILE C 61 -26.89 10.79 -31.52
CA ILE C 61 -27.27 12.20 -31.28
CA ILE C 61 -27.28 12.20 -31.30
C ILE C 61 -26.01 13.02 -30.98
N PRO C 62 -25.78 14.15 -31.70
CA PRO C 62 -24.58 14.94 -31.38
C PRO C 62 -24.62 15.56 -29.97
N LEU C 63 -23.45 15.78 -29.39
CA LEU C 63 -23.26 16.37 -28.05
C LEU C 63 -24.03 17.66 -27.84
N ALA C 64 -23.93 18.59 -28.82
CA ALA C 64 -24.62 19.88 -28.76
C ALA C 64 -26.13 19.70 -28.56
N SER C 65 -26.71 18.70 -29.25
CA SER C 65 -28.15 18.41 -29.15
CA SER C 65 -28.15 18.40 -29.15
C SER C 65 -28.50 17.76 -27.81
N LEU C 66 -27.63 16.86 -27.33
CA LEU C 66 -27.84 16.20 -26.02
C LEU C 66 -27.77 17.23 -24.88
N ARG C 67 -26.80 18.15 -24.97
CA ARG C 67 -26.66 19.27 -24.00
C ARG C 67 -27.94 20.10 -23.93
N THR C 68 -28.44 20.51 -25.09
CA THR C 68 -29.69 21.27 -25.22
C THR C 68 -30.87 20.52 -24.56
N GLY C 69 -31.06 19.27 -24.94
CA GLY C 69 -32.09 18.42 -24.34
C GLY C 69 -31.94 18.25 -22.83
N PHE C 70 -30.72 17.97 -22.38
CA PHE C 70 -30.46 17.76 -20.95
C PHE C 70 -30.69 19.03 -20.10
N GLY C 71 -30.50 20.22 -20.71
CA GLY C 71 -30.75 21.52 -20.07
C GLY C 71 -32.12 21.69 -19.43
N VAL C 72 -33.14 21.05 -20.00
CA VAL C 72 -34.52 21.06 -19.44
C VAL C 72 -34.56 20.33 -18.11
N ILE C 73 -33.93 19.17 -18.07
CA ILE C 73 -33.83 18.37 -16.83
C ILE C 73 -33.01 19.14 -15.80
N ALA C 74 -31.89 19.71 -16.22
CA ALA C 74 -31.04 20.47 -15.31
C ALA C 74 -31.73 21.66 -14.65
N ALA C 75 -32.61 22.34 -15.39
CA ALA C 75 -33.35 23.48 -14.87
C ALA C 75 -34.36 23.06 -13.83
N LYS C 76 -35.12 21.99 -14.11
CA LYS C 76 -36.10 21.43 -13.18
C LYS C 76 -35.51 21.00 -11.85
N PHE C 77 -34.38 20.30 -11.92
CA PHE C 77 -33.69 19.80 -10.72
C PHE C 77 -32.62 20.74 -10.13
N THR C 78 -32.41 21.92 -10.73
CA THR C 78 -31.43 22.92 -10.27
C THR C 78 -30.03 22.30 -10.19
N MSE C 79 -29.62 21.69 -11.29
CA MSE C 79 -28.34 21.01 -11.36
C MSE C 79 -27.19 21.88 -11.82
O MSE C 79 -27.35 22.74 -12.71
CB MSE C 79 -28.40 19.82 -12.34
CG MSE C 79 -29.34 18.73 -11.93
SE MSE C 79 -29.56 17.46 -13.41
CE MSE C 79 -30.57 16.07 -12.48
N GLY C 80 -26.05 21.63 -11.19
CA GLY C 80 -24.77 22.11 -11.64
C GLY C 80 -24.32 20.88 -12.42
N TRP C 81 -23.96 21.05 -13.69
CA TRP C 81 -23.59 19.90 -14.51
C TRP C 81 -22.64 20.22 -15.64
N HIS C 82 -22.06 19.14 -16.16
CA HIS C 82 -21.16 19.21 -17.29
C HIS C 82 -21.27 17.93 -18.11
N MSE C 83 -21.36 18.06 -19.44
CA MSE C 83 -21.41 16.92 -20.38
C MSE C 83 -20.37 17.17 -21.49
O MSE C 83 -20.41 18.19 -22.15
CB MSE C 83 -22.82 16.74 -20.96
CG MSE C 83 -23.00 15.55 -21.89
SE MSE C 83 -24.73 15.48 -22.74
CE MSE C 83 -25.86 15.12 -21.21
N ARG C 84 -19.47 16.20 -21.70
CA ARG C 84 -18.43 16.31 -22.71
C ARG C 84 -18.14 14.99 -23.37
N ASP C 85 -17.46 15.08 -24.52
CA ASP C 85 -16.96 13.92 -25.22
C ASP C 85 -15.68 13.52 -24.48
N ARG C 86 -15.57 12.25 -24.12
CA ARG C 86 -14.39 11.70 -23.39
C ARG C 86 -13.07 11.94 -24.14
N GLU C 87 -13.11 11.92 -25.47
CA GLU C 87 -11.92 12.20 -26.29
C GLU C 87 -11.47 13.66 -26.32
N THR C 88 -12.33 14.60 -25.90
CA THR C 88 -11.97 16.01 -25.86
C THR C 88 -11.06 16.27 -24.66
N ARG C 89 -9.79 16.53 -24.92
CA ARG C 89 -8.84 16.84 -23.85
C ARG C 89 -9.10 18.24 -23.31
N ARG C 90 -9.04 18.39 -22.01
CA ARG C 90 -9.10 19.71 -21.36
C ARG C 90 -7.80 20.47 -21.63
N LYS C 91 -7.92 21.78 -21.73
CA LYS C 91 -6.82 22.69 -21.98
C LYS C 91 -6.34 23.07 -20.58
N VAL C 92 -5.09 22.71 -20.27
CA VAL C 92 -4.52 22.94 -18.92
C VAL C 92 -3.30 23.88 -18.93
N MSE C 93 -3.32 24.85 -18.01
CA MSE C 93 -2.24 25.84 -17.80
C MSE C 93 -1.52 25.50 -16.48
O MSE C 93 -2.16 25.29 -15.45
CB MSE C 93 -2.82 27.25 -17.71
CG MSE C 93 -1.79 28.37 -17.52
SE MSE C 93 -2.53 30.11 -17.49
CE MSE C 93 -3.05 30.13 -19.38
N LEU C 94 -0.19 25.51 -16.51
CA LEU C 94 0.61 25.18 -15.35
C LEU C 94 1.35 26.41 -14.89
N LEU C 95 1.20 26.75 -13.62
CA LEU C 95 1.88 27.90 -13.01
C LEU C 95 2.99 27.34 -12.12
N VAL C 96 4.18 27.95 -12.20
CA VAL C 96 5.38 27.52 -11.45
CA VAL C 96 5.37 27.51 -11.46
C VAL C 96 6.15 28.75 -11.01
N SER C 97 6.88 28.61 -9.89
CA SER C 97 7.67 29.64 -9.32
C SER C 97 9.15 29.23 -9.33
N GLN C 98 9.58 28.34 -8.43
CA GLN C 98 10.98 27.92 -8.33
C GLN C 98 11.14 26.38 -8.40
N SER C 99 10.39 25.66 -7.58
CA SER C 99 10.41 24.19 -7.55
C SER C 99 9.86 23.61 -8.85
N ASP C 100 10.61 22.71 -9.49
CA ASP C 100 10.25 22.14 -10.81
C ASP C 100 9.70 20.70 -10.78
N HIS C 101 9.56 20.11 -9.60
CA HIS C 101 9.17 18.69 -9.46
C HIS C 101 7.77 18.35 -9.93
N CYS C 102 6.80 19.19 -9.55
CA CYS C 102 5.41 18.99 -9.98
C CYS C 102 5.30 19.25 -11.51
N LEU C 103 5.89 20.35 -11.98
CA LEU C 103 5.93 20.66 -13.44
C LEU C 103 6.49 19.46 -14.19
N ALA C 104 7.68 18.98 -13.80
CA ALA C 104 8.34 17.85 -14.47
C ALA C 104 7.48 16.59 -14.48
N ASP C 105 6.86 16.27 -13.32
CA ASP C 105 6.00 15.07 -13.22
C ASP C 105 4.77 15.11 -14.10
N ILE C 106 4.12 16.27 -14.15
CA ILE C 106 2.88 16.44 -14.95
C ILE C 106 3.22 16.31 -16.42
N LEU C 107 4.29 16.98 -16.86
CA LEU C 107 4.73 16.86 -18.26
C LEU C 107 5.09 15.42 -18.57
N TYR C 108 5.79 14.72 -17.69
CA TYR C 108 6.07 13.30 -17.90
C TYR C 108 4.78 12.48 -18.05
N ARG C 109 3.87 12.64 -17.09
CA ARG C 109 2.59 11.90 -17.10
C ARG C 109 1.72 12.18 -18.33
N TRP C 110 1.83 13.40 -18.86
CA TRP C 110 1.15 13.79 -20.08
C TRP C 110 1.82 13.12 -21.28
N ARG C 111 3.15 13.23 -21.38
CA ARG C 111 3.86 12.63 -22.52
CA ARG C 111 3.94 12.61 -22.48
C ARG C 111 3.71 11.11 -22.64
N VAL C 112 3.57 10.40 -21.53
CA VAL C 112 3.38 8.93 -21.55
C VAL C 112 1.92 8.45 -21.64
N GLY C 113 0.97 9.38 -21.74
CA GLY C 113 -0.46 9.03 -21.84
C GLY C 113 -1.24 8.85 -20.56
N ASP C 114 -0.66 9.18 -19.41
CA ASP C 114 -1.35 9.00 -18.11
C ASP C 114 -2.28 10.15 -17.74
N LEU C 115 -2.03 11.37 -18.28
CA LEU C 115 -2.89 12.55 -18.08
C LEU C 115 -3.38 12.99 -19.47
N HIS C 116 -4.69 12.93 -19.66
CA HIS C 116 -5.38 13.23 -20.92
CA HIS C 116 -5.28 13.26 -20.95
C HIS C 116 -5.68 14.72 -20.91
N MSE C 117 -4.77 15.53 -21.46
CA MSE C 117 -4.88 16.98 -21.52
C MSE C 117 -4.06 17.57 -22.66
O MSE C 117 -3.23 16.88 -23.26
CB MSE C 117 -4.33 17.57 -20.19
CG MSE C 117 -2.95 17.03 -19.79
SE MSE C 117 -2.16 17.81 -18.21
CE MSE C 117 -1.15 19.20 -18.99
N ILE C 118 -4.30 18.85 -22.93
CA ILE C 118 -3.54 19.64 -23.87
C ILE C 118 -2.92 20.77 -22.99
N PRO C 119 -1.60 20.71 -22.68
CA PRO C 119 -1.00 21.83 -21.94
C PRO C 119 -1.02 23.11 -22.80
N THR C 120 -1.56 24.21 -22.31
CA THR C 120 -1.71 25.47 -23.10
C THR C 120 -0.54 26.43 -22.92
N ALA C 121 -0.02 26.46 -21.71
CA ALA C 121 1.10 27.30 -21.35
C ALA C 121 1.65 26.87 -20.00
N ILE C 122 2.93 27.21 -19.81
CA ILE C 122 3.64 27.13 -18.55
C ILE C 122 3.87 28.61 -18.22
N VAL C 123 3.39 29.04 -17.07
CA VAL C 123 3.44 30.44 -16.64
C VAL C 123 4.21 30.56 -15.34
N SER C 124 5.08 31.57 -15.23
CA SER C 124 5.87 31.81 -14.04
C SER C 124 6.08 33.26 -13.69
N ASN C 125 6.23 33.51 -12.39
CA ASN C 125 6.61 34.81 -11.89
C ASN C 125 8.13 34.99 -11.96
N HIS C 126 8.85 33.96 -12.40
CA HIS C 126 10.29 33.97 -12.56
C HIS C 126 10.69 33.75 -14.04
N PRO C 127 11.86 34.30 -14.47
CA PRO C 127 12.28 34.15 -15.87
C PRO C 127 12.56 32.71 -16.31
N ARG C 128 12.39 32.42 -17.61
CA ARG C 128 12.68 31.08 -18.18
C ARG C 128 14.03 30.50 -17.77
N GLU C 129 15.06 31.34 -17.82
CA GLU C 129 16.41 30.84 -17.52
C GLU C 129 16.68 30.45 -16.05
N THR C 130 15.74 30.70 -15.14
CA THR C 130 15.83 30.19 -13.76
C THR C 130 15.49 28.69 -13.67
N PHE C 131 14.92 28.13 -14.75
CA PHE C 131 14.67 26.69 -14.89
C PHE C 131 15.71 26.09 -15.84
N SER C 132 16.14 24.87 -15.53
CA SER C 132 17.14 24.19 -16.34
C SER C 132 16.78 22.71 -16.45
N GLY C 133 17.22 22.10 -17.54
CA GLY C 133 16.94 20.72 -17.85
C GLY C 133 15.61 20.49 -18.54
N PHE C 134 14.93 21.55 -19.03
CA PHE C 134 13.65 21.43 -19.71
C PHE C 134 13.67 21.79 -21.20
N ASP C 135 12.91 21.01 -21.97
CA ASP C 135 12.61 21.31 -23.36
C ASP C 135 11.10 21.21 -23.44
N PHE C 136 10.41 22.35 -23.40
CA PHE C 136 8.95 22.39 -23.45
C PHE C 136 8.34 22.10 -24.82
N GLY C 137 9.18 21.97 -25.85
CA GLY C 137 8.75 21.65 -27.21
C GLY C 137 7.87 22.78 -27.71
N ASP C 138 6.65 22.43 -28.08
CA ASP C 138 5.65 23.39 -28.57
C ASP C 138 4.72 23.98 -27.47
N ILE C 139 5.01 23.74 -26.17
CA ILE C 139 4.25 24.36 -25.08
C ILE C 139 5.02 25.66 -24.78
N PRO C 140 4.34 26.82 -24.86
CA PRO C 140 5.02 28.08 -24.62
C PRO C 140 5.15 28.43 -23.13
N PHE C 141 6.28 29.02 -22.77
CA PHE C 141 6.55 29.49 -21.42
C PHE C 141 6.35 31.00 -21.42
N TYR C 142 5.63 31.50 -20.42
CA TYR C 142 5.44 32.94 -20.23
C TYR C 142 6.03 33.36 -18.90
N HIS C 143 6.72 34.50 -18.90
CA HIS C 143 7.21 35.11 -17.66
C HIS C 143 6.39 36.35 -17.41
N PHE C 144 5.53 36.32 -16.40
CA PHE C 144 4.73 37.47 -15.98
C PHE C 144 5.27 37.93 -14.61
N PRO C 145 6.16 38.94 -14.58
CA PRO C 145 6.62 39.41 -13.28
C PRO C 145 5.50 40.05 -12.41
N VAL C 146 5.70 40.01 -11.09
CA VAL C 146 4.78 40.58 -10.12
C VAL C 146 5.52 41.00 -8.84
N ASN C 147 5.04 42.07 -8.21
CA ASN C 147 5.49 42.52 -6.89
C ASN C 147 4.22 42.93 -6.11
N LYS C 148 4.37 43.39 -4.87
CA LYS C 148 3.17 43.78 -4.05
C LYS C 148 2.24 44.80 -4.72
N ASP C 149 2.82 45.70 -5.52
CA ASP C 149 2.08 46.75 -6.20
C ASP C 149 1.53 46.44 -7.58
N THR C 150 2.00 45.36 -8.21
CA THR C 150 1.60 45.02 -9.59
C THR C 150 0.77 43.72 -9.73
N ARG C 151 0.14 43.28 -8.64
CA ARG C 151 -0.69 42.06 -8.65
C ARG C 151 -1.91 42.18 -9.58
N ARG C 152 -2.52 43.36 -9.67
CA ARG C 152 -3.69 43.54 -10.55
C ARG C 152 -3.28 43.36 -12.03
N GLN C 153 -2.17 43.99 -12.42
CA GLN C 153 -1.67 43.92 -13.80
C GLN C 153 -1.25 42.49 -14.16
N GLN C 154 -0.54 41.82 -13.26
CA GLN C 154 -0.08 40.44 -13.54
C GLN C 154 -1.27 39.46 -13.64
N GLU C 155 -2.23 39.55 -12.73
CA GLU C 155 -3.44 38.69 -12.80
C GLU C 155 -4.25 38.93 -14.09
N ALA C 156 -4.33 40.19 -14.51
CA ALA C 156 -5.01 40.57 -15.77
C ALA C 156 -4.31 39.91 -16.95
N ALA C 157 -2.98 39.91 -16.93
CA ALA C 157 -2.18 39.25 -18.00
C ALA C 157 -2.43 37.75 -18.01
N ILE C 158 -2.45 37.13 -16.83
CA ILE C 158 -2.75 35.70 -16.69
C ILE C 158 -4.19 35.38 -17.15
N THR C 159 -5.16 36.17 -16.70
CA THR C 159 -6.59 36.03 -17.07
C THR C 159 -6.80 36.13 -18.60
N ALA C 160 -6.15 37.12 -19.24
CA ALA C 160 -6.20 37.31 -20.69
C ALA C 160 -5.64 36.11 -21.40
N LEU C 161 -4.53 35.55 -20.90
CA LEU C 161 -3.95 34.36 -21.54
C LEU C 161 -4.87 33.13 -21.40
N ILE C 162 -5.51 32.98 -20.23
CA ILE C 162 -6.51 31.94 -19.97
C ILE C 162 -7.62 32.02 -21.04
N ALA C 163 -8.12 33.22 -21.30
CA ALA C 163 -9.17 33.46 -22.30
C ALA C 163 -8.68 33.25 -23.72
N GLN C 164 -7.50 33.81 -24.05
CA GLN C 164 -6.88 33.66 -25.38
C GLN C 164 -6.68 32.18 -25.74
N THR C 165 -6.27 31.38 -24.75
CA THR C 165 -5.97 29.97 -24.99
C THR C 165 -7.14 29.02 -24.69
N HIS C 166 -8.31 29.54 -24.30
CA HIS C 166 -9.50 28.71 -23.93
C HIS C 166 -9.17 27.65 -22.86
N THR C 167 -8.32 28.03 -21.91
CA THR C 167 -7.86 27.16 -20.83
C THR C 167 -9.05 26.80 -19.92
N ASP C 168 -9.15 25.50 -19.63
CA ASP C 168 -10.18 24.88 -18.82
C ASP C 168 -9.80 24.70 -17.36
N LEU C 169 -8.51 24.57 -17.10
CA LEU C 169 -7.98 24.27 -15.80
C LEU C 169 -6.60 24.90 -15.60
N VAL C 170 -6.38 25.43 -14.39
CA VAL C 170 -5.15 26.06 -13.98
C VAL C 170 -4.63 25.23 -12.83
N VAL C 171 -3.37 24.77 -12.93
CA VAL C 171 -2.72 23.97 -11.89
C VAL C 171 -1.60 24.83 -11.30
N LEU C 172 -1.67 25.07 -9.99
CA LEU C 172 -0.63 25.74 -9.26
C LEU C 172 0.41 24.66 -8.88
N ALA C 173 1.43 24.48 -9.71
CA ALA C 173 2.49 23.45 -9.49
C ALA C 173 3.58 24.07 -8.65
N ARG C 174 3.27 24.27 -7.35
CA ARG C 174 4.14 24.98 -6.39
CA ARG C 174 4.16 24.97 -6.40
C ARG C 174 4.40 26.44 -6.81
N TYR C 175 3.37 27.06 -7.38
CA TYR C 175 3.38 28.48 -7.69
C TYR C 175 3.18 29.15 -6.32
N MSE C 176 4.06 30.07 -5.99
CA MSE C 176 4.11 30.68 -4.66
C MSE C 176 3.43 32.05 -4.47
O MSE C 176 3.44 32.55 -3.34
CB MSE C 176 5.57 30.70 -4.20
CG MSE C 176 6.21 29.29 -4.20
SE MSE C 176 5.13 27.91 -3.21
CE MSE C 176 5.64 28.66 -1.46
N GLN C 177 2.86 32.63 -5.53
CA GLN C 177 2.15 33.91 -5.39
CA GLN C 177 2.15 33.93 -5.42
C GLN C 177 0.70 33.60 -5.05
N ILE C 178 0.15 34.31 -4.08
CA ILE C 178 -1.22 34.08 -3.62
C ILE C 178 -2.17 34.73 -4.62
N LEU C 179 -3.14 33.97 -5.13
CA LEU C 179 -4.13 34.51 -6.05
C LEU C 179 -5.09 35.38 -5.23
N SER C 180 -5.51 36.52 -5.79
CA SER C 180 -6.48 37.39 -5.10
C SER C 180 -7.82 36.66 -4.96
N ASP C 181 -8.67 37.18 -4.06
CA ASP C 181 -10.02 36.60 -3.84
C ASP C 181 -10.85 36.61 -5.12
N GLU C 182 -10.73 37.68 -5.91
CA GLU C 182 -11.49 37.82 -7.16
C GLU C 182 -11.02 36.82 -8.22
N MSE C 183 -9.70 36.62 -8.35
CA MSE C 183 -9.21 35.63 -9.32
C MSE C 183 -9.54 34.21 -8.87
O MSE C 183 -9.94 33.42 -9.70
CB MSE C 183 -7.72 35.74 -9.64
CG MSE C 183 -7.37 34.95 -10.91
SE MSE C 183 -5.58 35.30 -11.32
CE MSE C 183 -5.22 33.68 -12.38
N SER C 184 -9.39 33.90 -7.58
CA SER C 184 -9.81 32.60 -7.01
C SER C 184 -11.28 32.31 -7.28
N ALA C 185 -12.12 33.34 -7.14
CA ALA C 185 -13.56 33.24 -7.41
C ALA C 185 -13.81 32.95 -8.90
N ARG C 186 -13.16 33.69 -9.81
CA ARG C 186 -13.28 33.41 -11.28
C ARG C 186 -12.92 31.95 -11.67
N LEU C 187 -11.94 31.38 -10.95
CA LEU C 187 -11.44 30.02 -11.21
C LEU C 187 -12.03 28.91 -10.31
N ALA C 188 -13.17 29.17 -9.63
CA ALA C 188 -13.85 28.20 -8.74
C ALA C 188 -14.07 26.87 -9.43
N GLY C 189 -13.60 25.79 -8.81
CA GLY C 189 -13.67 24.44 -9.40
C GLY C 189 -12.76 24.16 -10.60
N ARG C 190 -11.92 25.13 -10.99
CA ARG C 190 -11.03 25.06 -12.15
C ARG C 190 -9.57 25.48 -11.84
N CYS C 191 -9.18 25.42 -10.55
CA CYS C 191 -7.84 25.74 -10.12
C CYS C 191 -7.43 24.79 -8.99
N ILE C 192 -6.35 24.03 -9.20
CA ILE C 192 -5.86 23.03 -8.26
C ILE C 192 -4.48 23.40 -7.72
N ASN C 193 -4.35 23.31 -6.40
CA ASN C 193 -3.13 23.59 -5.71
C ASN C 193 -2.61 22.30 -5.04
N ILE C 194 -1.33 22.30 -4.67
CA ILE C 194 -0.68 21.21 -3.92
C ILE C 194 0.11 21.81 -2.78
N HIS C 195 0.02 21.20 -1.61
CA HIS C 195 0.90 21.56 -0.49
C HIS C 195 1.20 20.37 0.37
N HIS C 196 2.26 20.49 1.15
CA HIS C 196 2.74 19.45 2.04
C HIS C 196 1.85 19.42 3.25
N SER C 197 1.88 18.30 3.94
CA SER C 197 1.04 18.04 5.11
C SER C 197 1.75 17.06 6.05
N PHE C 198 1.82 17.37 7.34
CA PHE C 198 2.41 16.49 8.33
C PHE C 198 1.39 15.99 9.35
N LEU C 199 1.81 14.91 10.05
CA LEU C 199 1.09 14.27 11.14
C LEU C 199 2.06 14.20 12.35
N PRO C 200 1.93 15.11 13.34
CA PRO C 200 1.00 16.22 13.45
C PRO C 200 1.40 17.39 12.54
N GLY C 201 0.50 18.34 12.35
CA GLY C 201 0.79 19.55 11.56
C GLY C 201 1.81 20.43 12.27
N PHE C 202 2.67 21.09 11.49
CA PHE C 202 3.67 22.04 12.01
C PHE C 202 3.36 23.41 11.42
N LYS C 203 3.30 24.43 12.29
CA LYS C 203 2.98 25.81 11.89
C LYS C 203 4.11 26.74 12.26
N GLY C 204 4.41 27.68 11.36
CA GLY C 204 5.47 28.66 11.55
C GLY C 204 6.66 28.42 10.64
N ALA C 205 7.80 28.97 11.04
CA ALA C 205 9.04 28.88 10.27
C ALA C 205 9.62 27.49 10.25
N LYS C 206 10.11 27.08 9.07
CA LYS C 206 10.83 25.83 8.85
C LYS C 206 10.07 24.54 9.30
N PRO C 207 8.90 24.26 8.68
CA PRO C 207 8.16 23.04 9.05
C PRO C 207 8.90 21.70 8.80
N TYR C 208 9.82 21.66 7.82
CA TYR C 208 10.63 20.45 7.54
C TYR C 208 11.63 20.15 8.66
N HIS C 209 12.23 21.19 9.23
CA HIS C 209 13.17 21.03 10.36
C HIS C 209 12.42 20.67 11.66
N GLN C 210 11.20 21.20 11.86
CA GLN C 210 10.34 20.81 13.00
C GLN C 210 9.92 19.33 12.85
N ALA C 211 9.57 18.92 11.63
CA ALA C 211 9.18 17.52 11.37
C ALA C 211 10.35 16.56 11.66
N PHE C 212 11.54 16.94 11.20
CA PHE C 212 12.75 16.18 11.45
C PHE C 212 13.02 16.05 12.95
N ASP C 213 12.94 17.16 13.68
CA ASP C 213 13.14 17.16 15.13
C ASP C 213 12.07 16.39 15.89
N ARG C 214 10.84 16.40 15.38
CA ARG C 214 9.74 15.64 15.96
C ARG C 214 9.88 14.10 15.73
N GLY C 215 10.68 13.68 14.76
CA GLY C 215 10.87 12.27 14.47
C GLY C 215 9.66 11.59 13.87
N VAL C 216 8.98 12.28 12.95
CA VAL C 216 7.79 11.73 12.27
C VAL C 216 8.16 10.52 11.41
N LYS C 217 7.19 9.64 11.16
CA LYS C 217 7.41 8.46 10.32
C LYS C 217 6.65 8.54 8.99
N LEU C 218 6.02 9.71 8.70
CA LEU C 218 5.26 9.97 7.48
C LEU C 218 5.42 11.40 7.05
N ILE C 219 5.27 11.61 5.75
CA ILE C 219 5.17 12.94 5.17
C ILE C 219 3.99 12.83 4.22
N GLY C 220 3.11 13.82 4.26
CA GLY C 220 1.96 13.88 3.39
C GLY C 220 1.89 15.08 2.47
N ALA C 221 0.88 15.02 1.61
CA ALA C 221 0.56 16.08 0.65
C ALA C 221 -0.96 16.13 0.44
N THR C 222 -1.48 17.32 0.15
CA THR C 222 -2.88 17.54 -0.07
C THR C 222 -3.07 18.40 -1.34
N ALA C 223 -3.91 17.91 -2.25
CA ALA C 223 -4.24 18.62 -3.46
C ALA C 223 -5.66 19.11 -3.26
N HIS C 224 -5.91 20.37 -3.59
CA HIS C 224 -7.23 20.96 -3.37
C HIS C 224 -7.57 22.02 -4.37
N TYR C 225 -8.86 22.31 -4.49
CA TYR C 225 -9.33 23.43 -5.29
C TYR C 225 -9.03 24.72 -4.52
N VAL C 226 -8.63 25.75 -5.26
CA VAL C 226 -8.26 27.04 -4.70
C VAL C 226 -9.50 27.88 -4.38
N THR C 227 -9.55 28.44 -3.17
CA THR C 227 -10.57 29.39 -2.74
C THR C 227 -9.82 30.57 -2.09
N SER C 228 -10.55 31.54 -1.56
CA SER C 228 -9.92 32.69 -0.86
C SER C 228 -9.20 32.37 0.48
N ALA C 229 -9.49 31.21 1.09
CA ALA C 229 -8.83 30.78 2.34
C ALA C 229 -7.49 30.12 1.97
N LEU C 230 -6.38 30.79 2.28
CA LEU C 230 -5.00 30.32 1.94
C LEU C 230 -4.72 28.82 2.20
N ASP C 231 -4.50 28.06 1.12
CA ASP C 231 -4.24 26.60 1.15
C ASP C 231 -5.31 25.72 1.85
N GLU C 232 -6.57 26.22 1.88
CA GLU C 232 -7.70 25.57 2.62
C GLU C 232 -9.02 25.30 1.84
N GLY C 233 -8.96 25.23 0.52
CA GLY C 233 -10.17 24.95 -0.27
C GLY C 233 -10.52 23.46 -0.31
N PRO C 234 -11.60 23.09 -1.06
CA PRO C 234 -12.07 21.69 -1.15
C PRO C 234 -10.98 20.65 -1.50
N ILE C 235 -10.80 19.69 -0.61
CA ILE C 235 -9.77 18.67 -0.74
C ILE C 235 -10.17 17.63 -1.78
N ILE C 236 -9.26 17.40 -2.73
CA ILE C 236 -9.42 16.44 -3.81
C ILE C 236 -8.76 15.10 -3.48
N ASP C 237 -7.54 15.15 -2.95
CA ASP C 237 -6.77 13.94 -2.72
C ASP C 237 -5.72 14.23 -1.66
N GLN C 238 -5.39 13.20 -0.87
CA GLN C 238 -4.36 13.26 0.14
C GLN C 238 -3.67 11.90 0.19
N ASP C 239 -2.37 11.90 0.43
CA ASP C 239 -1.63 10.64 0.57
C ASP C 239 -0.35 10.90 1.33
N VAL C 240 0.34 9.82 1.73
CA VAL C 240 1.60 9.91 2.47
C VAL C 240 2.62 8.97 1.92
N GLU C 241 3.86 9.20 2.31
CA GLU C 241 4.95 8.24 2.10
C GLU C 241 5.76 8.19 3.38
N ARG C 242 6.47 7.08 3.54
CA ARG C 242 7.19 6.85 4.79
CA ARG C 242 7.26 6.78 4.74
C ARG C 242 8.47 7.67 4.96
N ILE C 243 8.75 7.96 6.23
CA ILE C 243 9.94 8.68 6.70
C ILE C 243 10.53 7.78 7.77
N SER C 244 11.86 7.67 7.81
CA SER C 244 12.52 6.90 8.84
C SER C 244 13.59 7.75 9.49
N HIS C 245 14.17 7.18 10.53
CA HIS C 245 15.33 7.75 11.23
C HIS C 245 16.56 8.00 10.31
N ARG C 246 16.64 7.28 9.17
CA ARG C 246 17.71 7.46 8.17
C ARG C 246 17.59 8.78 7.40
N ASP C 247 16.37 9.34 7.32
CA ASP C 247 16.15 10.54 6.54
C ASP C 247 16.69 11.81 7.19
N THR C 248 17.62 12.47 6.49
CA THR C 248 18.16 13.78 6.90
C THR C 248 17.12 14.86 6.53
N PRO C 249 17.36 16.12 6.95
CA PRO C 249 16.43 17.20 6.52
C PRO C 249 16.34 17.32 4.98
N ALA C 250 17.46 17.15 4.28
CA ALA C 250 17.47 17.14 2.82
C ALA C 250 16.65 15.96 2.24
N ASP C 251 16.71 14.80 2.89
CA ASP C 251 15.91 13.63 2.47
C ASP C 251 14.41 13.91 2.64
N LEU C 252 14.03 14.58 3.72
CA LEU C 252 12.63 14.99 3.98
C LEU C 252 12.12 15.91 2.88
N VAL C 253 12.93 16.89 2.47
CA VAL C 253 12.56 17.78 1.38
C VAL C 253 12.32 16.99 0.09
N ARG C 254 13.25 16.10 -0.26
CA ARG C 254 13.12 15.25 -1.44
C ARG C 254 11.85 14.37 -1.35
N LYS C 255 11.61 13.76 -0.19
CA LYS C 255 10.40 12.93 -0.02
C LYS C 255 9.14 13.80 -0.06
N GLY C 256 9.22 15.00 0.51
CA GLY C 256 8.15 16.00 0.43
C GLY C 256 7.81 16.32 -1.03
N ARG C 257 8.82 16.50 -1.88
CA ARG C 257 8.60 16.77 -3.33
C ARG C 257 7.97 15.54 -4.01
N ASP C 258 8.45 14.36 -3.61
CA ASP C 258 7.95 13.13 -4.19
C ASP C 258 6.46 12.98 -3.87
N ILE C 259 6.03 13.19 -2.63
CA ILE C 259 4.60 13.03 -2.32
C ILE C 259 3.76 14.14 -2.92
N GLU C 260 4.25 15.38 -2.97
CA GLU C 260 3.54 16.47 -3.64
C GLU C 260 3.28 16.14 -5.08
N ARG C 261 4.31 15.78 -5.84
CA ARG C 261 4.13 15.44 -7.28
C ARG C 261 3.16 14.30 -7.51
N ARG C 262 3.27 13.25 -6.69
CA ARG C 262 2.32 12.09 -6.76
C ARG C 262 0.85 12.44 -6.53
N VAL C 263 0.61 13.15 -5.45
CA VAL C 263 -0.75 13.53 -5.08
C VAL C 263 -1.34 14.53 -6.08
N LEU C 264 -0.54 15.49 -6.55
CA LEU C 264 -1.06 16.47 -7.54
C LEU C 264 -1.36 15.78 -8.85
N SER C 265 -0.45 14.93 -9.35
CA SER C 265 -0.69 14.24 -10.62
C SER C 265 -1.92 13.33 -10.51
N ARG C 266 -2.07 12.64 -9.38
CA ARG C 266 -3.25 11.82 -9.17
C ARG C 266 -4.54 12.68 -9.11
N ALA C 267 -4.50 13.77 -8.32
CA ALA C 267 -5.63 14.70 -8.23
C ALA C 267 -6.02 15.23 -9.62
N LEU C 268 -4.99 15.60 -10.41
CA LEU C 268 -5.17 16.07 -11.79
C LEU C 268 -5.85 14.98 -12.65
N HIS C 269 -5.39 13.72 -12.51
CA HIS C 269 -6.01 12.59 -13.20
C HIS C 269 -7.51 12.44 -12.89
N TYR C 270 -7.87 12.53 -11.60
CA TYR C 270 -9.29 12.47 -11.23
C TYR C 270 -10.11 13.61 -11.86
N HIS C 271 -9.55 14.82 -11.86
CA HIS C 271 -10.23 15.97 -12.47
C HIS C 271 -10.45 15.78 -13.99
N LEU C 272 -9.38 15.43 -14.68
CA LEU C 272 -9.39 15.25 -16.13
C LEU C 272 -10.25 14.08 -16.60
N ASP C 273 -10.50 13.10 -15.72
CA ASP C 273 -11.35 11.93 -16.00
C ASP C 273 -12.82 12.12 -15.50
N ASP C 274 -13.19 13.36 -15.15
CA ASP C 274 -14.54 13.71 -14.71
C ASP C 274 -15.05 12.89 -13.55
N ARG C 275 -14.17 12.70 -12.58
CA ARG C 275 -14.42 11.96 -11.37
C ARG C 275 -14.61 12.85 -10.14
N VAL C 276 -14.39 14.17 -10.26
CA VAL C 276 -14.47 15.06 -9.11
C VAL C 276 -15.65 16.01 -9.20
N ILE C 277 -16.45 16.05 -8.14
CA ILE C 277 -17.59 16.99 -8.06
C ILE C 277 -17.52 17.77 -6.74
N LEU C 278 -17.64 19.08 -6.84
CA LEU C 278 -17.66 19.93 -5.66
C LEU C 278 -18.91 19.69 -4.83
N ASN C 279 -18.73 19.76 -3.52
CA ASN C 279 -19.76 19.53 -2.53
C ASN C 279 -19.53 20.55 -1.44
N GLY C 280 -19.88 21.81 -1.74
CA GLY C 280 -19.62 22.92 -0.80
C GLY C 280 -18.14 23.10 -0.47
N ARG C 281 -17.77 22.83 0.79
CA ARG C 281 -16.39 22.92 1.24
C ARG C 281 -15.59 21.62 0.97
N LYS C 282 -16.22 20.60 0.37
CA LYS C 282 -15.67 19.28 0.20
C LYS C 282 -15.78 18.83 -1.24
N THR C 283 -15.38 17.57 -1.51
CA THR C 283 -15.54 16.94 -2.81
C THR C 283 -16.11 15.56 -2.69
N VAL C 284 -16.78 15.17 -3.78
CA VAL C 284 -17.19 13.78 -4.03
C VAL C 284 -16.22 13.38 -5.15
N VAL C 285 -15.48 12.28 -4.94
CA VAL C 285 -14.55 11.75 -5.90
C VAL C 285 -14.92 10.31 -6.20
N PHE C 286 -15.38 10.05 -7.42
CA PHE C 286 -15.74 8.70 -7.83
C PHE C 286 -14.48 7.97 -8.32
N THR C 287 -13.83 7.21 -7.44
CA THR C 287 -12.61 6.44 -7.80
C THR C 287 -13.00 5.05 -8.23
N HIS D 4 33.24 15.81 1.85
CA HIS D 4 33.81 14.67 2.62
C HIS D 4 33.11 13.41 2.07
N HIS D 5 33.86 12.59 1.32
CA HIS D 5 33.27 11.46 0.59
C HIS D 5 32.77 10.30 1.46
N GLN D 6 31.73 9.64 0.95
CA GLN D 6 31.19 8.43 1.55
C GLN D 6 31.53 7.29 0.61
N TYR D 7 31.92 6.17 1.19
CA TYR D 7 32.22 4.96 0.44
C TYR D 7 31.25 3.88 0.87
N VAL D 8 31.05 2.90 -0.01
CA VAL D 8 30.19 1.76 0.29
C VAL D 8 30.95 0.47 -0.06
N LEU D 9 30.87 -0.49 0.85
CA LEU D 9 31.43 -1.81 0.70
C LEU D 9 30.28 -2.81 0.77
N THR D 10 30.24 -3.76 -0.17
CA THR D 10 29.30 -4.86 -0.13
C THR D 10 30.10 -6.13 -0.29
N LEU D 11 29.64 -7.21 0.33
CA LEU D 11 30.35 -8.47 0.27
C LEU D 11 29.48 -9.65 0.63
N SER D 12 29.89 -10.80 0.10
CA SER D 12 29.32 -12.08 0.46
C SER D 12 30.46 -13.06 0.56
N CYS D 13 30.30 -14.08 1.41
CA CYS D 13 31.30 -15.11 1.62
C CYS D 13 30.70 -16.26 2.42
N PRO D 14 31.38 -17.43 2.45
CA PRO D 14 30.92 -18.52 3.30
C PRO D 14 30.90 -18.06 4.76
N ASP D 15 29.87 -18.47 5.51
CA ASP D 15 29.68 -18.03 6.88
C ASP D 15 30.79 -18.62 7.75
N ARG D 16 31.27 -17.78 8.66
CA ARG D 16 32.36 -18.10 9.56
C ARG D 16 32.28 -17.06 10.68
N ALA D 17 32.72 -17.42 11.88
CA ALA D 17 32.68 -16.50 13.00
C ALA D 17 33.73 -15.42 12.76
N GLY D 18 33.46 -14.21 13.25
CA GLY D 18 34.44 -13.13 13.18
C GLY D 18 34.57 -12.36 11.91
N ILE D 19 33.58 -12.47 11.01
CA ILE D 19 33.58 -11.70 9.77
C ILE D 19 33.37 -10.21 10.07
N VAL D 20 32.33 -9.92 10.84
CA VAL D 20 32.02 -8.53 11.22
C VAL D 20 33.20 -7.91 11.99
N SER D 21 33.80 -8.68 12.89
CA SER D 21 35.00 -8.26 13.64
C SER D 21 36.13 -7.89 12.68
N ALA D 22 36.37 -8.72 11.66
CA ALA D 22 37.45 -8.47 10.69
C ALA D 22 37.24 -7.21 9.87
N VAL D 23 36.04 -7.07 9.30
CA VAL D 23 35.68 -5.93 8.45
C VAL D 23 35.64 -4.62 9.22
N SER D 24 34.94 -4.61 10.35
CA SER D 24 34.83 -3.39 11.16
C SER D 24 36.18 -3.01 11.77
N THR D 25 36.97 -3.99 12.20
CA THR D 25 38.32 -3.69 12.75
C THR D 25 39.21 -3.04 11.67
N PHE D 26 39.10 -3.53 10.44
CA PHE D 26 39.85 -2.98 9.31
C PHE D 26 39.51 -1.49 9.07
N LEU D 27 38.23 -1.15 9.05
CA LEU D 27 37.77 0.23 8.85
C LEU D 27 38.21 1.12 10.03
N PHE D 28 38.04 0.62 11.26
CA PHE D 28 38.50 1.32 12.48
C PHE D 28 40.02 1.59 12.48
N GLU D 29 40.82 0.55 12.22
CA GLU D 29 42.29 0.68 12.16
C GLU D 29 42.77 1.55 11.00
N ASN D 30 41.97 1.66 9.94
CA ASN D 30 42.25 2.55 8.81
C ASN D 30 41.56 3.92 8.96
N GLY D 31 41.21 4.31 10.19
CA GLY D 31 40.66 5.63 10.48
C GLY D 31 39.34 6.00 9.83
N GLN D 32 38.49 5.01 9.54
CA GLN D 32 37.17 5.24 8.93
C GLN D 32 36.09 5.10 9.99
N ASN D 33 34.93 5.70 9.72
CA ASN D 33 33.79 5.71 10.62
C ASN D 33 32.57 5.15 9.89
N ILE D 34 31.88 4.20 10.51
CA ILE D 34 30.69 3.61 9.92
C ILE D 34 29.50 4.57 10.10
N LEU D 35 28.81 4.84 8.98
CA LEU D 35 27.61 5.70 8.93
C LEU D 35 26.33 4.86 9.02
N ASP D 36 26.30 3.78 8.25
CA ASP D 36 25.23 2.79 8.38
C ASP D 36 25.70 1.48 7.79
N ALA D 37 25.24 0.37 8.37
CA ALA D 37 25.64 -0.95 7.94
C ALA D 37 24.55 -1.96 8.27
N GLN D 38 24.57 -3.02 7.47
CA GLN D 38 23.63 -4.11 7.59
CA GLN D 38 23.61 -4.10 7.55
C GLN D 38 24.36 -5.41 7.36
N GLN D 39 24.00 -6.44 8.15
CA GLN D 39 24.57 -7.78 8.02
C GLN D 39 23.45 -8.84 8.10
N TYR D 40 23.60 -9.91 7.31
CA TYR D 40 22.65 -10.99 7.23
C TYR D 40 23.36 -12.30 6.99
N ASN D 41 23.01 -13.31 7.78
CA ASN D 41 23.56 -14.62 7.70
C ASN D 41 22.46 -15.52 7.12
N ASP D 42 22.67 -16.02 5.90
CA ASP D 42 21.77 -16.99 5.27
C ASP D 42 22.20 -18.35 5.82
N THR D 43 21.51 -18.80 6.87
CA THR D 43 21.83 -20.08 7.51
C THR D 43 21.43 -21.31 6.67
N GLU D 44 20.54 -21.16 5.68
CA GLU D 44 20.15 -22.26 4.78
CA GLU D 44 20.15 -22.28 4.84
C GLU D 44 21.30 -22.55 3.82
N SER D 45 21.87 -21.50 3.20
CA SER D 45 23.01 -21.68 2.26
C SER D 45 24.39 -21.58 2.94
N GLY D 46 24.44 -21.01 4.14
CA GLY D 46 25.70 -20.85 4.87
C GLY D 46 26.58 -19.73 4.33
N HIS D 47 25.95 -18.62 3.91
CA HIS D 47 26.66 -17.46 3.41
C HIS D 47 26.27 -16.24 4.23
N PHE D 48 27.24 -15.33 4.38
CA PHE D 48 27.11 -14.10 5.14
C PHE D 48 27.20 -12.95 4.16
N PHE D 49 26.45 -11.89 4.44
CA PHE D 49 26.30 -10.72 3.57
C PHE D 49 26.44 -9.44 4.38
N MSE D 50 27.21 -8.47 3.88
CA MSE D 50 27.34 -7.18 4.55
C MSE D 50 27.34 -6.05 3.58
O MSE D 50 27.89 -6.20 2.48
CB MSE D 50 28.67 -7.03 5.29
CG MSE D 50 28.94 -8.04 6.29
SE MSE D 50 30.53 -7.45 7.34
CE MSE D 50 30.14 -5.88 8.06
N ARG D 51 26.77 -4.94 4.02
CA ARG D 51 26.78 -3.67 3.32
C ARG D 51 27.20 -2.67 4.41
N VAL D 52 28.23 -1.88 4.14
CA VAL D 52 28.74 -0.89 5.08
C VAL D 52 28.98 0.43 4.36
N VAL D 53 28.38 1.51 4.84
CA VAL D 53 28.63 2.86 4.31
C VAL D 53 29.52 3.55 5.33
N PHE D 54 30.61 4.17 4.87
CA PHE D 54 31.56 4.79 5.77
C PHE D 54 32.27 6.01 5.18
N ASN D 55 32.90 6.78 6.04
CA ASN D 55 33.66 7.96 5.62
C ASN D 55 34.89 8.09 6.49
N ALA D 56 35.76 9.02 6.12
CA ALA D 56 37.00 9.26 6.87
C ALA D 56 36.70 9.87 8.24
N ALA D 57 37.39 9.38 9.27
CA ALA D 57 37.33 9.94 10.63
C ALA D 57 38.74 10.48 10.94
N ALA D 58 39.59 9.68 11.61
CA ALA D 58 40.94 10.11 11.99
C ALA D 58 41.91 10.18 10.81
N LYS D 59 41.70 9.35 9.77
CA LYS D 59 42.58 9.26 8.60
C LYS D 59 41.78 9.34 7.30
N VAL D 60 42.20 10.24 6.39
CA VAL D 60 41.62 10.36 5.05
C VAL D 60 42.51 9.46 4.18
N ILE D 61 41.99 8.27 3.83
CA ILE D 61 42.71 7.29 3.01
C ILE D 61 42.05 7.19 1.64
N PRO D 62 42.83 7.22 0.53
CA PRO D 62 42.20 7.06 -0.78
C PRO D 62 41.59 5.67 -1.01
N LEU D 63 40.53 5.63 -1.81
CA LEU D 63 39.82 4.40 -2.16
C LEU D 63 40.77 3.27 -2.58
N ALA D 64 41.67 3.58 -3.52
CA ALA D 64 42.66 2.60 -4.04
C ALA D 64 43.46 1.88 -2.95
N SER D 65 43.85 2.64 -1.92
CA SER D 65 44.64 2.12 -0.79
CA SER D 65 44.63 2.10 -0.78
C SER D 65 43.77 1.25 0.15
N LEU D 66 42.53 1.67 0.37
CA LEU D 66 41.59 0.89 1.21
C LEU D 66 41.31 -0.44 0.48
N ARG D 67 41.09 -0.40 -0.84
CA ARG D 67 40.87 -1.61 -1.66
C ARG D 67 42.04 -2.59 -1.51
N THR D 68 43.27 -2.08 -1.65
CA THR D 68 44.47 -2.92 -1.50
C THR D 68 44.52 -3.56 -0.11
N GLY D 69 44.33 -2.76 0.94
CA GLY D 69 44.30 -3.29 2.32
C GLY D 69 43.18 -4.31 2.54
N PHE D 70 41.97 -3.97 2.11
CA PHE D 70 40.83 -4.88 2.27
C PHE D 70 41.00 -6.22 1.54
N GLY D 71 41.75 -6.22 0.42
CA GLY D 71 42.06 -7.44 -0.36
C GLY D 71 42.63 -8.58 0.47
N VAL D 72 43.41 -8.23 1.49
CA VAL D 72 43.99 -9.21 2.42
C VAL D 72 42.89 -9.97 3.18
N ILE D 73 41.92 -9.23 3.72
CA ILE D 73 40.78 -9.80 4.45
C ILE D 73 39.86 -10.60 3.52
N ALA D 74 39.60 -10.06 2.33
CA ALA D 74 38.76 -10.72 1.33
C ALA D 74 39.34 -12.07 0.88
N ALA D 75 40.68 -12.16 0.78
CA ALA D 75 41.35 -13.42 0.44
C ALA D 75 41.17 -14.44 1.56
N LYS D 76 41.46 -14.05 2.82
CA LYS D 76 41.29 -14.91 4.01
C LYS D 76 39.89 -15.51 4.15
N PHE D 77 38.86 -14.68 3.93
CA PHE D 77 37.45 -15.10 4.06
C PHE D 77 36.79 -15.56 2.75
N THR D 78 37.54 -15.64 1.64
CA THR D 78 37.02 -16.02 0.33
C THR D 78 35.78 -15.16 -0.02
N MSE D 79 35.95 -13.83 0.06
CA MSE D 79 34.85 -12.92 -0.23
C MSE D 79 34.75 -12.46 -1.68
O MSE D 79 35.77 -12.23 -2.35
CB MSE D 79 34.97 -11.64 0.61
CG MSE D 79 34.94 -11.82 2.09
SE MSE D 79 35.39 -10.14 2.98
CE MSE D 79 34.89 -10.63 4.80
N GLY D 80 33.51 -12.33 -2.13
CA GLY D 80 33.17 -11.64 -3.37
C GLY D 80 32.83 -10.26 -2.80
N TRP D 81 33.43 -9.19 -3.33
CA TRP D 81 33.22 -7.85 -2.77
C TRP D 81 33.43 -6.73 -3.75
N HIS D 82 32.90 -5.57 -3.37
CA HIS D 82 33.04 -4.35 -4.14
C HIS D 82 33.07 -3.17 -3.18
N MSE D 83 34.03 -2.25 -3.40
CA MSE D 83 34.15 -1.03 -2.60
C MSE D 83 34.22 0.13 -3.59
O MSE D 83 35.08 0.10 -4.50
CB MSE D 83 35.37 -1.07 -1.71
CG MSE D 83 35.54 0.13 -0.78
SE MSE D 83 37.20 0.06 0.22
CE MSE D 83 36.90 -1.53 1.24
N ARG D 84 33.37 1.14 -3.40
CA ARG D 84 33.35 2.32 -4.28
C ARG D 84 32.97 3.60 -3.55
N ASP D 85 33.28 4.72 -4.19
CA ASP D 85 32.91 6.05 -3.72
C ASP D 85 31.45 6.17 -4.17
N ARG D 86 30.57 6.52 -3.25
CA ARG D 86 29.14 6.69 -3.57
C ARG D 86 28.85 7.82 -4.57
N GLU D 87 29.74 8.81 -4.66
CA GLU D 87 29.57 9.89 -5.68
C GLU D 87 29.94 9.43 -7.10
N THR D 88 30.63 8.29 -7.25
CA THR D 88 30.98 7.79 -8.59
C THR D 88 29.72 7.18 -9.18
N ARG D 89 29.22 7.84 -10.22
CA ARG D 89 28.03 7.37 -10.93
C ARG D 89 28.40 6.19 -11.82
N ARG D 90 27.65 5.09 -11.73
CA ARG D 90 27.82 3.94 -12.64
C ARG D 90 27.41 4.37 -14.05
N LYS D 91 28.07 3.78 -15.05
CA LYS D 91 27.80 4.04 -16.44
C LYS D 91 26.83 2.95 -16.91
N VAL D 92 25.64 3.38 -17.34
CA VAL D 92 24.53 2.47 -17.68
C VAL D 92 24.11 2.55 -19.14
N MSE D 93 24.11 1.42 -19.82
CA MSE D 93 23.63 1.29 -21.20
C MSE D 93 22.18 0.80 -21.13
O MSE D 93 21.84 -0.06 -20.32
CB MSE D 93 24.48 0.29 -21.98
CG MSE D 93 24.10 0.14 -23.42
SE MSE D 93 25.27 -1.06 -24.35
CE MSE D 93 26.87 0.08 -24.34
N LEU D 94 21.32 1.38 -21.97
CA LEU D 94 19.89 1.05 -21.99
C LEU D 94 19.51 0.43 -23.32
N LEU D 95 19.03 -0.82 -23.29
CA LEU D 95 18.56 -1.52 -24.48
C LEU D 95 17.04 -1.46 -24.54
N VAL D 96 16.49 -1.18 -25.72
CA VAL D 96 15.04 -1.04 -25.92
C VAL D 96 14.61 -1.60 -27.28
N SER D 97 13.37 -2.08 -27.37
CA SER D 97 12.82 -2.58 -28.62
C SER D 97 11.67 -1.65 -29.03
N GLN D 98 10.48 -2.14 -29.34
CA GLN D 98 9.41 -1.28 -29.87
C GLN D 98 8.75 -0.35 -28.86
N SER D 99 8.65 -0.74 -27.59
CA SER D 99 7.98 0.08 -26.56
C SER D 99 8.97 0.80 -25.64
N ASP D 100 8.82 2.11 -25.50
CA ASP D 100 9.73 2.93 -24.70
C ASP D 100 9.31 3.14 -23.24
N HIS D 101 8.30 2.43 -22.76
CA HIS D 101 7.73 2.69 -21.43
C HIS D 101 8.72 2.62 -20.28
N CYS D 102 9.55 1.57 -20.27
CA CYS D 102 10.57 1.41 -19.24
C CYS D 102 11.71 2.40 -19.45
N LEU D 103 12.12 2.57 -20.71
CA LEU D 103 13.16 3.54 -21.06
C LEU D 103 12.77 4.95 -20.66
N ALA D 104 11.54 5.37 -20.97
CA ALA D 104 11.05 6.71 -20.64
C ALA D 104 11.06 6.99 -19.12
N ASP D 105 10.68 5.98 -18.34
CA ASP D 105 10.64 6.11 -16.88
C ASP D 105 12.06 6.23 -16.30
N ILE D 106 12.98 5.41 -16.81
CA ILE D 106 14.38 5.46 -16.37
C ILE D 106 14.98 6.85 -16.69
N LEU D 107 14.77 7.34 -17.91
CA LEU D 107 15.31 8.64 -18.33
C LEU D 107 14.69 9.79 -17.51
N TYR D 108 13.38 9.68 -17.24
CA TYR D 108 12.67 10.65 -16.39
C TYR D 108 13.28 10.70 -14.98
N ARG D 109 13.41 9.53 -14.36
CA ARG D 109 13.96 9.43 -13.00
C ARG D 109 15.42 9.91 -12.93
N TRP D 110 16.18 9.62 -13.96
CA TRP D 110 17.55 10.14 -14.05
C TRP D 110 17.57 11.67 -14.14
N ARG D 111 16.76 12.22 -15.04
CA ARG D 111 16.75 13.67 -15.24
C ARG D 111 16.27 14.47 -14.03
N VAL D 112 15.36 13.92 -13.22
CA VAL D 112 14.88 14.59 -12.01
C VAL D 112 15.73 14.30 -10.75
N GLY D 113 16.82 13.53 -10.88
CA GLY D 113 17.72 13.22 -9.74
C GLY D 113 17.39 12.02 -8.87
N ASP D 114 16.44 11.17 -9.27
CA ASP D 114 16.08 9.97 -8.49
C ASP D 114 17.01 8.76 -8.71
N LEU D 115 17.63 8.66 -9.88
CA LEU D 115 18.59 7.61 -10.22
C LEU D 115 19.94 8.29 -10.47
N HIS D 116 20.95 7.93 -9.68
CA HIS D 116 22.31 8.46 -9.78
CA HIS D 116 22.28 8.50 -9.85
C HIS D 116 23.10 7.56 -10.74
N MSE D 117 23.27 7.99 -12.00
CA MSE D 117 23.96 7.26 -13.07
C MSE D 117 24.38 8.17 -14.23
O MSE D 117 23.97 9.32 -14.28
CB MSE D 117 23.02 6.18 -13.62
CG MSE D 117 21.61 6.70 -13.99
SE MSE D 117 20.47 5.40 -14.95
CE MSE D 117 20.96 5.73 -16.72
N ILE D 118 25.18 7.61 -15.14
CA ILE D 118 25.59 8.26 -16.39
C ILE D 118 25.07 7.35 -17.54
N PRO D 119 24.01 7.77 -18.28
CA PRO D 119 23.57 6.97 -19.42
C PRO D 119 24.61 7.05 -20.56
N THR D 120 25.24 5.94 -20.89
CA THR D 120 26.26 5.88 -21.93
C THR D 120 25.67 5.83 -23.33
N ALA D 121 24.60 5.06 -23.49
CA ALA D 121 23.97 4.87 -24.79
C ALA D 121 22.60 4.25 -24.69
N ILE D 122 21.78 4.53 -25.70
CA ILE D 122 20.47 3.87 -25.86
C ILE D 122 20.71 3.02 -27.12
N VAL D 123 20.63 1.70 -26.97
CA VAL D 123 20.82 0.77 -28.10
C VAL D 123 19.48 0.12 -28.39
N SER D 124 19.11 0.03 -29.65
CA SER D 124 17.88 -0.64 -30.05
C SER D 124 18.06 -1.47 -31.31
N ASN D 125 17.23 -2.52 -31.42
CA ASN D 125 17.14 -3.32 -32.64
C ASN D 125 16.20 -2.63 -33.65
N HIS D 126 15.58 -1.52 -33.26
CA HIS D 126 14.70 -0.72 -34.12
C HIS D 126 15.30 0.69 -34.34
N PRO D 127 14.97 1.33 -35.48
CA PRO D 127 15.54 2.64 -35.76
C PRO D 127 15.00 3.78 -34.90
N ARG D 128 15.76 4.87 -34.87
CA ARG D 128 15.48 6.09 -34.09
C ARG D 128 14.05 6.63 -34.24
N GLU D 129 13.56 6.66 -35.48
CA GLU D 129 12.18 7.12 -35.78
C GLU D 129 11.05 6.33 -35.07
N THR D 130 11.34 5.13 -34.58
CA THR D 130 10.40 4.35 -33.75
C THR D 130 10.06 5.06 -32.45
N PHE D 131 10.96 5.92 -31.95
CA PHE D 131 10.80 6.58 -30.67
C PHE D 131 10.46 8.06 -30.78
N SER D 132 9.65 8.54 -29.83
CA SER D 132 9.29 9.95 -29.72
C SER D 132 10.52 10.77 -29.25
N GLY D 133 11.45 10.11 -28.55
CA GLY D 133 12.70 10.72 -28.11
C GLY D 133 12.63 11.65 -26.92
N PHE D 134 11.52 11.60 -26.18
CA PHE D 134 11.33 12.47 -25.03
C PHE D 134 12.36 12.08 -23.98
N ASP D 135 13.10 13.07 -23.47
CA ASP D 135 14.20 12.88 -22.50
C ASP D 135 15.48 12.20 -23.02
N PHE D 136 15.58 11.96 -24.33
CA PHE D 136 16.82 11.41 -24.96
C PHE D 136 17.95 12.42 -24.85
N GLY D 137 17.63 13.70 -25.09
CA GLY D 137 18.60 14.80 -25.03
C GLY D 137 19.82 14.48 -25.89
N ASP D 138 21.01 14.59 -25.30
CA ASP D 138 22.29 14.29 -25.98
C ASP D 138 22.80 12.87 -25.72
N ILE D 139 21.98 11.95 -25.20
CA ILE D 139 22.42 10.56 -24.97
C ILE D 139 22.56 9.88 -26.34
N PRO D 140 23.72 9.25 -26.65
CA PRO D 140 23.86 8.64 -27.99
C PRO D 140 22.88 7.50 -28.27
N PHE D 141 22.26 7.51 -29.45
CA PHE D 141 21.33 6.45 -29.90
C PHE D 141 21.99 5.66 -31.01
N TYR D 142 21.94 4.32 -30.88
CA TYR D 142 22.49 3.41 -31.87
C TYR D 142 21.46 2.35 -32.25
N HIS D 143 21.20 2.25 -33.55
CA HIS D 143 20.33 1.23 -34.10
C HIS D 143 21.27 0.10 -34.53
N PHE D 144 21.27 -0.98 -33.75
CA PHE D 144 22.04 -2.20 -34.05
C PHE D 144 21.00 -3.27 -34.43
N PRO D 145 20.65 -3.37 -35.73
CA PRO D 145 19.67 -4.38 -36.14
C PRO D 145 20.11 -5.85 -35.92
N VAL D 146 19.12 -6.73 -35.74
CA VAL D 146 19.39 -8.16 -35.50
C VAL D 146 18.30 -9.08 -36.05
N ASN D 147 18.73 -10.26 -36.45
CA ASN D 147 17.85 -11.35 -36.89
C ASN D 147 18.53 -12.69 -36.50
N LYS D 148 17.86 -13.79 -36.83
CA LYS D 148 18.35 -15.15 -36.57
C LYS D 148 19.77 -15.41 -37.06
N ASP D 149 20.16 -14.79 -38.19
CA ASP D 149 21.49 -14.94 -38.80
C ASP D 149 22.56 -13.87 -38.49
N THR D 150 22.21 -12.74 -37.84
CA THR D 150 23.22 -11.68 -37.51
C THR D 150 23.50 -11.51 -36.00
N ARG D 151 22.96 -12.43 -35.20
CA ARG D 151 23.05 -12.37 -33.74
C ARG D 151 24.48 -12.25 -33.16
N ARG D 152 25.43 -13.04 -33.67
CA ARG D 152 26.83 -12.96 -33.22
C ARG D 152 27.45 -11.58 -33.55
N GLN D 153 27.19 -11.05 -34.74
CA GLN D 153 27.72 -9.73 -35.15
C GLN D 153 27.10 -8.56 -34.34
N GLN D 154 25.79 -8.63 -34.11
CA GLN D 154 25.07 -7.60 -33.32
C GLN D 154 25.58 -7.58 -31.89
N GLU D 155 25.73 -8.77 -31.30
CA GLU D 155 26.28 -8.88 -29.93
C GLU D 155 27.73 -8.42 -29.84
N ALA D 156 28.52 -8.65 -30.91
CA ALA D 156 29.90 -8.15 -30.99
C ALA D 156 29.93 -6.60 -30.98
N ALA D 157 28.97 -5.99 -31.68
CA ALA D 157 28.84 -4.53 -31.71
C ALA D 157 28.47 -3.99 -30.31
N ILE D 158 27.56 -4.68 -29.60
CA ILE D 158 27.16 -4.30 -28.21
C ILE D 158 28.33 -4.51 -27.25
N THR D 159 29.01 -5.65 -27.36
CA THR D 159 30.22 -5.94 -26.54
C THR D 159 31.33 -4.90 -26.74
N ALA D 160 31.53 -4.47 -27.99
CA ALA D 160 32.50 -3.43 -28.31
C ALA D 160 32.06 -2.05 -27.77
N LEU D 161 30.76 -1.71 -27.87
CA LEU D 161 30.26 -0.42 -27.37
C LEU D 161 30.41 -0.34 -25.84
N ILE D 162 30.12 -1.44 -25.14
CA ILE D 162 30.26 -1.58 -23.68
C ILE D 162 31.70 -1.27 -23.21
N ALA D 163 32.70 -1.81 -23.91
CA ALA D 163 34.12 -1.57 -23.60
C ALA D 163 34.53 -0.13 -23.90
N GLN D 164 34.10 0.36 -25.07
CA GLN D 164 34.37 1.73 -25.55
C GLN D 164 33.88 2.81 -24.59
N THR D 165 32.66 2.62 -24.10
CA THR D 165 32.00 3.55 -23.18
C THR D 165 32.28 3.26 -21.69
N HIS D 166 32.98 2.17 -21.38
CA HIS D 166 33.28 1.75 -19.99
C HIS D 166 31.99 1.50 -19.18
N THR D 167 31.02 0.85 -19.82
CA THR D 167 29.70 0.59 -19.24
C THR D 167 29.82 -0.44 -18.10
N ASP D 168 29.21 -0.10 -16.95
CA ASP D 168 29.19 -0.95 -15.74
C ASP D 168 27.91 -1.81 -15.65
N LEU D 169 26.81 -1.37 -16.27
CA LEU D 169 25.50 -2.03 -16.19
C LEU D 169 24.70 -1.89 -17.49
N VAL D 170 24.05 -2.98 -17.90
CA VAL D 170 23.18 -3.03 -19.06
C VAL D 170 21.77 -3.27 -18.53
N VAL D 171 20.81 -2.43 -18.93
CA VAL D 171 19.43 -2.59 -18.52
C VAL D 171 18.63 -2.97 -19.76
N LEU D 172 17.93 -4.11 -19.73
CA LEU D 172 17.04 -4.49 -20.82
C LEU D 172 15.69 -3.82 -20.50
N ALA D 173 15.47 -2.63 -21.06
CA ALA D 173 14.26 -1.84 -20.79
C ALA D 173 13.16 -2.35 -21.72
N ARG D 174 12.75 -3.57 -21.41
CA ARG D 174 11.83 -4.35 -22.20
C ARG D 174 12.37 -4.60 -23.64
N TYR D 175 13.67 -4.90 -23.74
CA TYR D 175 14.33 -5.32 -24.99
C TYR D 175 13.79 -6.72 -25.24
N MSE D 176 13.29 -6.98 -26.46
CA MSE D 176 12.61 -8.26 -26.79
CA MSE D 176 12.58 -8.23 -26.82
C MSE D 176 13.41 -9.33 -27.53
O MSE D 176 12.86 -10.41 -27.83
CB MSE D 176 11.30 -7.94 -27.53
CB MSE D 176 11.33 -7.86 -27.65
CG MSE D 176 10.34 -7.07 -26.70
CG MSE D 176 10.40 -6.83 -26.95
SE MSE D 176 9.92 -7.84 -24.96
SE MSE D 176 8.80 -6.19 -27.89
CE MSE D 176 8.98 -9.43 -25.62
CE MSE D 176 9.54 -5.69 -29.60
N GLN D 177 14.69 -9.06 -27.81
CA GLN D 177 15.60 -10.02 -28.46
CA GLN D 177 15.62 -10.01 -28.45
C GLN D 177 16.37 -10.77 -27.37
N ILE D 178 16.48 -12.10 -27.52
CA ILE D 178 17.16 -12.94 -26.53
C ILE D 178 18.68 -12.86 -26.67
N LEU D 179 19.34 -12.53 -25.56
CA LEU D 179 20.80 -12.50 -25.51
C LEU D 179 21.30 -13.94 -25.48
N SER D 180 22.35 -14.22 -26.26
CA SER D 180 22.97 -15.55 -26.32
C SER D 180 23.50 -15.96 -24.94
N ASP D 181 23.76 -17.27 -24.77
CA ASP D 181 24.29 -17.78 -23.48
C ASP D 181 25.64 -17.21 -23.04
N GLU D 182 26.51 -16.91 -24.00
CA GLU D 182 27.84 -16.33 -23.70
C GLU D 182 27.71 -14.86 -23.30
N MSE D 183 26.84 -14.11 -23.98
CA MSE D 183 26.50 -12.69 -23.61
C MSE D 183 26.01 -12.58 -22.17
O MSE D 183 26.47 -11.71 -21.42
CB MSE D 183 25.42 -12.09 -24.53
CG MSE D 183 25.98 -11.27 -25.64
SE MSE D 183 26.47 -9.50 -25.03
CE MSE D 183 24.67 -8.79 -25.01
N SER D 184 25.07 -13.45 -21.83
CA SER D 184 24.49 -13.53 -20.48
C SER D 184 25.59 -13.77 -19.46
N ALA D 185 26.41 -14.78 -19.74
CA ALA D 185 27.57 -15.15 -18.92
C ALA D 185 28.54 -14.00 -18.71
N ARG D 186 28.90 -13.31 -19.81
CA ARG D 186 29.79 -12.11 -19.75
C ARG D 186 29.22 -10.98 -18.88
N LEU D 187 27.89 -10.84 -18.88
CA LEU D 187 27.18 -9.79 -18.11
C LEU D 187 26.55 -10.24 -16.77
N ALA D 188 27.00 -11.37 -16.23
CA ALA D 188 26.54 -11.93 -14.95
C ALA D 188 26.60 -10.88 -13.86
N GLY D 189 25.48 -10.65 -13.18
CA GLY D 189 25.38 -9.61 -12.17
C GLY D 189 25.42 -8.16 -12.65
N ARG D 190 25.49 -7.95 -13.98
CA ARG D 190 25.59 -6.62 -14.61
CA ARG D 190 25.59 -6.61 -14.61
C ARG D 190 24.55 -6.39 -15.74
N CYS D 191 23.51 -7.23 -15.80
CA CYS D 191 22.43 -7.10 -16.78
C CYS D 191 21.09 -7.34 -16.10
N ILE D 192 20.22 -6.35 -16.13
CA ILE D 192 18.89 -6.43 -15.49
C ILE D 192 17.79 -6.45 -16.53
N ASN D 193 16.88 -7.42 -16.42
CA ASN D 193 15.72 -7.58 -17.29
C ASN D 193 14.44 -7.32 -16.47
N ILE D 194 13.34 -7.09 -17.17
CA ILE D 194 12.04 -6.91 -16.53
C ILE D 194 11.00 -7.73 -17.31
N HIS D 195 10.00 -8.27 -16.61
CA HIS D 195 8.87 -8.91 -17.31
C HIS D 195 7.64 -8.91 -16.41
N HIS D 196 6.48 -8.75 -17.03
CA HIS D 196 5.22 -8.73 -16.28
C HIS D 196 4.71 -10.14 -16.20
N SER D 197 3.77 -10.35 -15.30
CA SER D 197 3.06 -11.65 -15.17
CA SER D 197 3.14 -11.65 -15.08
C SER D 197 1.80 -11.49 -14.31
N PHE D 198 1.05 -12.58 -14.21
CA PHE D 198 -0.18 -12.60 -13.47
C PHE D 198 -0.12 -13.69 -12.39
N LEU D 199 -1.18 -13.70 -11.59
CA LEU D 199 -1.41 -14.66 -10.51
CA LEU D 199 -1.42 -14.61 -10.50
C LEU D 199 -2.73 -15.34 -10.86
N PRO D 200 -2.65 -16.51 -11.55
CA PRO D 200 -1.51 -17.31 -12.05
C PRO D 200 -0.96 -16.78 -13.38
N GLY D 201 0.22 -17.25 -13.77
CA GLY D 201 0.82 -16.92 -15.06
C GLY D 201 0.09 -17.59 -16.23
N PHE D 202 0.31 -17.05 -17.44
CA PHE D 202 -0.26 -17.58 -18.68
C PHE D 202 0.83 -17.73 -19.75
N LYS D 203 0.71 -18.82 -20.54
CA LYS D 203 1.63 -19.16 -21.62
C LYS D 203 0.84 -19.40 -22.91
N GLY D 204 1.46 -19.09 -24.05
CA GLY D 204 0.86 -19.30 -25.37
C GLY D 204 0.21 -18.09 -25.99
N ALA D 205 -0.64 -18.36 -26.99
CA ALA D 205 -1.33 -17.35 -27.79
C ALA D 205 -2.22 -16.42 -26.96
N LYS D 206 -2.08 -15.12 -27.23
CA LYS D 206 -2.88 -14.04 -26.62
C LYS D 206 -2.93 -14.07 -25.06
N PRO D 207 -1.76 -13.91 -24.38
CA PRO D 207 -1.67 -13.96 -22.89
C PRO D 207 -2.49 -12.91 -22.10
N TYR D 208 -2.70 -11.74 -22.69
CA TYR D 208 -3.51 -10.68 -22.07
C TYR D 208 -4.98 -11.06 -22.13
N HIS D 209 -5.42 -11.61 -23.26
CA HIS D 209 -6.79 -12.11 -23.41
C HIS D 209 -7.03 -13.25 -22.42
N GLN D 210 -6.02 -14.08 -22.15
CA GLN D 210 -6.13 -15.16 -21.15
C GLN D 210 -6.35 -14.59 -19.73
N ALA D 211 -5.55 -13.59 -19.36
CA ALA D 211 -5.67 -12.91 -18.05
C ALA D 211 -7.04 -12.25 -17.92
N PHE D 212 -7.46 -11.53 -18.96
CA PHE D 212 -8.77 -10.89 -19.04
C PHE D 212 -9.89 -11.91 -18.87
N ASP D 213 -9.79 -13.03 -19.59
CA ASP D 213 -10.79 -14.10 -19.49
C ASP D 213 -10.81 -14.74 -18.12
N ARG D 214 -9.65 -14.85 -17.48
CA ARG D 214 -9.56 -15.42 -16.14
C ARG D 214 -10.15 -14.49 -15.05
N GLY D 215 -10.27 -13.19 -15.34
CA GLY D 215 -10.83 -12.24 -14.37
C GLY D 215 -9.93 -11.96 -13.19
N VAL D 216 -8.63 -11.86 -13.45
CA VAL D 216 -7.65 -11.58 -12.42
C VAL D 216 -7.87 -10.18 -11.83
N LYS D 217 -7.39 -9.98 -10.60
CA LYS D 217 -7.51 -8.69 -9.89
C LYS D 217 -6.15 -8.05 -9.57
N LEU D 218 -5.08 -8.63 -10.12
CA LEU D 218 -3.71 -8.16 -9.99
C LEU D 218 -2.90 -8.43 -11.27
N ILE D 219 -1.91 -7.58 -11.51
CA ILE D 219 -0.93 -7.76 -12.58
C ILE D 219 0.37 -7.42 -11.85
N GLY D 220 1.41 -8.21 -12.10
CA GLY D 220 2.69 -8.06 -11.44
C GLY D 220 3.83 -7.98 -12.44
N ALA D 221 4.99 -7.59 -11.94
CA ALA D 221 6.23 -7.59 -12.71
C ALA D 221 7.38 -8.04 -11.82
N THR D 222 8.40 -8.56 -12.47
CA THR D 222 9.58 -9.10 -11.81
C THR D 222 10.84 -8.55 -12.49
N ALA D 223 11.71 -7.90 -11.72
CA ALA D 223 13.00 -7.45 -12.21
C ALA D 223 14.04 -8.51 -11.77
N HIS D 224 14.98 -8.81 -12.64
CA HIS D 224 15.97 -9.85 -12.34
C HIS D 224 17.26 -9.74 -13.12
N TYR D 225 18.32 -10.34 -12.59
CA TYR D 225 19.59 -10.46 -13.32
C TYR D 225 19.44 -11.52 -14.38
N VAL D 226 20.04 -11.28 -15.53
CA VAL D 226 19.93 -12.17 -16.69
C VAL D 226 20.90 -13.35 -16.56
N THR D 227 20.41 -14.54 -16.89
CA THR D 227 21.21 -15.77 -16.91
C THR D 227 20.87 -16.52 -18.21
N SER D 228 21.52 -17.66 -18.42
CA SER D 228 21.25 -18.55 -19.59
C SER D 228 19.81 -19.07 -19.70
N ALA D 229 19.07 -19.09 -18.60
CA ALA D 229 17.65 -19.47 -18.59
C ALA D 229 16.83 -18.24 -19.02
N LEU D 230 15.89 -18.45 -19.95
CA LEU D 230 15.04 -17.35 -20.47
C LEU D 230 14.11 -16.76 -19.39
N ASP D 231 14.34 -15.49 -19.03
CA ASP D 231 13.58 -14.74 -18.02
C ASP D 231 13.56 -15.36 -16.58
N GLU D 232 14.63 -16.11 -16.19
CA GLU D 232 14.66 -16.85 -14.89
C GLU D 232 15.89 -16.67 -13.93
N GLY D 233 16.63 -15.59 -14.06
CA GLY D 233 17.78 -15.35 -13.16
C GLY D 233 17.40 -14.80 -11.80
N PRO D 234 18.41 -14.43 -10.98
CA PRO D 234 18.14 -13.94 -9.62
C PRO D 234 17.19 -12.73 -9.54
N ILE D 235 16.08 -12.93 -8.83
CA ILE D 235 15.02 -11.93 -8.70
C ILE D 235 15.50 -10.81 -7.80
N ILE D 236 15.39 -9.57 -8.28
CA ILE D 236 15.79 -8.38 -7.51
C ILE D 236 14.59 -7.75 -6.81
N ASP D 237 13.48 -7.60 -7.54
CA ASP D 237 12.28 -6.95 -7.05
C ASP D 237 11.05 -7.47 -7.77
N GLN D 238 9.93 -7.44 -7.06
CA GLN D 238 8.63 -7.81 -7.56
C GLN D 238 7.59 -6.89 -6.93
N ASP D 239 6.56 -6.52 -7.70
CA ASP D 239 5.43 -5.76 -7.17
C ASP D 239 4.20 -5.96 -8.02
N VAL D 240 3.05 -5.51 -7.53
CA VAL D 240 1.80 -5.65 -8.27
C VAL D 240 1.03 -4.36 -8.26
N GLU D 241 0.04 -4.30 -9.14
CA GLU D 241 -0.96 -3.25 -9.10
C GLU D 241 -2.31 -3.90 -9.42
N ARG D 242 -3.36 -3.21 -9.01
CA ARG D 242 -4.72 -3.70 -9.13
C ARG D 242 -5.25 -3.78 -10.54
N ILE D 243 -6.10 -4.78 -10.78
CA ILE D 243 -6.87 -4.95 -12.01
C ILE D 243 -8.31 -5.11 -11.56
N SER D 244 -9.24 -4.52 -12.29
CA SER D 244 -10.65 -4.68 -11.98
C SER D 244 -11.42 -5.14 -13.21
N HIS D 245 -12.68 -5.46 -12.97
CA HIS D 245 -13.65 -5.79 -14.01
C HIS D 245 -13.79 -4.70 -15.11
N ARG D 246 -13.41 -3.44 -14.78
CA ARG D 246 -13.47 -2.31 -15.71
CA ARG D 246 -13.49 -2.33 -15.75
C ARG D 246 -12.38 -2.38 -16.80
N ASP D 247 -11.30 -3.11 -16.52
CA ASP D 247 -10.16 -3.18 -17.43
C ASP D 247 -10.36 -4.08 -18.65
N THR D 248 -10.20 -3.51 -19.84
CA THR D 248 -10.25 -4.24 -21.12
C THR D 248 -8.87 -4.87 -21.36
N PRO D 249 -8.74 -5.75 -22.38
CA PRO D 249 -7.39 -6.27 -22.71
C PRO D 249 -6.35 -5.15 -22.99
N ALA D 250 -6.76 -4.07 -23.66
CA ALA D 250 -5.87 -2.92 -23.90
C ALA D 250 -5.45 -2.23 -22.57
N ASP D 251 -6.38 -2.15 -21.61
CA ASP D 251 -6.07 -1.62 -20.26
C ASP D 251 -5.05 -2.50 -19.53
N LEU D 252 -5.15 -3.82 -19.68
CA LEU D 252 -4.20 -4.76 -19.07
C LEU D 252 -2.81 -4.57 -19.67
N VAL D 253 -2.74 -4.33 -20.99
CA VAL D 253 -1.46 -4.03 -21.64
C VAL D 253 -0.88 -2.76 -20.99
N ARG D 254 -1.69 -1.70 -20.88
CA ARG D 254 -1.26 -0.43 -20.26
C ARG D 254 -0.77 -0.60 -18.80
N LYS D 255 -1.55 -1.31 -18.00
CA LYS D 255 -1.21 -1.56 -16.60
C LYS D 255 0.05 -2.44 -16.46
N GLY D 256 0.19 -3.41 -17.36
CA GLY D 256 1.39 -4.23 -17.45
C GLY D 256 2.63 -3.35 -17.69
N ARG D 257 2.53 -2.40 -18.63
CA ARG D 257 3.63 -1.44 -18.90
CA ARG D 257 3.65 -1.49 -18.90
C ARG D 257 3.94 -0.63 -17.65
N ASP D 258 2.88 -0.18 -16.95
CA ASP D 258 3.03 0.60 -15.74
C ASP D 258 3.72 -0.16 -14.61
N ILE D 259 3.31 -1.40 -14.33
CA ILE D 259 3.95 -2.18 -13.28
C ILE D 259 5.40 -2.56 -13.64
N GLU D 260 5.63 -2.84 -14.93
CA GLU D 260 7.00 -3.12 -15.44
C GLU D 260 7.97 -1.98 -15.19
N ARG D 261 7.56 -0.76 -15.58
CA ARG D 261 8.42 0.42 -15.40
C ARG D 261 8.66 0.75 -13.93
N ARG D 262 7.62 0.61 -13.10
CA ARG D 262 7.77 0.82 -11.65
C ARG D 262 8.78 -0.13 -10.99
N VAL D 263 8.63 -1.42 -11.29
CA VAL D 263 9.52 -2.46 -10.73
C VAL D 263 10.94 -2.35 -11.26
N LEU D 264 11.10 -2.14 -12.57
CA LEU D 264 12.44 -1.99 -13.16
C LEU D 264 13.15 -0.76 -12.59
N SER D 265 12.47 0.38 -12.55
CA SER D 265 13.07 1.61 -12.00
C SER D 265 13.51 1.43 -10.54
N ARG D 266 12.69 0.74 -9.75
CA ARG D 266 13.01 0.49 -8.35
C ARG D 266 14.19 -0.48 -8.23
N ALA D 267 14.17 -1.57 -9.01
CA ALA D 267 15.26 -2.56 -9.01
C ALA D 267 16.59 -1.89 -9.42
N LEU D 268 16.54 -1.01 -10.42
CA LEU D 268 17.70 -0.25 -10.87
C LEU D 268 18.22 0.66 -9.75
N HIS D 269 17.30 1.33 -9.06
CA HIS D 269 17.66 2.17 -7.92
C HIS D 269 18.42 1.34 -6.86
N TYR D 270 17.92 0.15 -6.51
CA TYR D 270 18.61 -0.71 -5.54
C TYR D 270 20.01 -1.11 -5.98
N HIS D 271 20.17 -1.45 -7.25
CA HIS D 271 21.48 -1.82 -7.82
C HIS D 271 22.43 -0.63 -7.71
N LEU D 272 21.96 0.53 -8.20
CA LEU D 272 22.76 1.77 -8.21
C LEU D 272 23.13 2.26 -6.82
N ASP D 273 22.31 1.94 -5.82
CA ASP D 273 22.56 2.32 -4.43
C ASP D 273 23.37 1.26 -3.64
N ASP D 274 23.96 0.27 -4.33
CA ASP D 274 24.72 -0.81 -3.74
C ASP D 274 23.97 -1.53 -2.62
N ARG D 275 22.72 -1.88 -2.93
CA ARG D 275 21.85 -2.60 -2.04
C ARG D 275 21.61 -4.05 -2.43
N VAL D 276 22.14 -4.51 -3.58
CA VAL D 276 21.87 -5.85 -4.04
C VAL D 276 23.13 -6.70 -4.07
N ILE D 277 23.04 -7.89 -3.45
CA ILE D 277 24.12 -8.86 -3.44
C ILE D 277 23.54 -10.20 -3.90
N LEU D 278 24.21 -10.83 -4.85
CA LEU D 278 23.78 -12.13 -5.33
C LEU D 278 23.94 -13.19 -4.26
N ASN D 279 22.99 -14.10 -4.19
CA ASN D 279 22.99 -15.23 -3.29
C ASN D 279 22.61 -16.49 -4.08
N GLY D 280 23.56 -16.98 -4.89
CA GLY D 280 23.30 -18.10 -5.81
C GLY D 280 22.19 -17.77 -6.81
N ARG D 281 21.06 -18.47 -6.73
CA ARG D 281 19.89 -18.24 -7.59
C ARG D 281 19.00 -17.08 -7.08
N LYS D 282 19.37 -16.49 -5.94
CA LYS D 282 18.61 -15.47 -5.26
C LYS D 282 19.43 -14.21 -5.04
N THR D 283 18.80 -13.23 -4.42
CA THR D 283 19.44 -12.01 -4.01
C THR D 283 19.16 -11.68 -2.56
N VAL D 284 20.11 -10.91 -1.99
CA VAL D 284 19.97 -10.28 -0.70
C VAL D 284 19.84 -8.79 -1.12
N VAL D 285 18.74 -8.16 -0.70
CA VAL D 285 18.45 -6.75 -0.96
C VAL D 285 18.28 -6.02 0.35
N PHE D 286 19.24 -5.16 0.68
CA PHE D 286 19.18 -4.38 1.91
C PHE D 286 18.38 -3.12 1.60
N THR D 287 17.08 -3.19 1.83
CA THR D 287 16.18 -2.04 1.63
C THR D 287 16.22 -1.27 2.93
C1 EDO E . -8.75 -17.41 19.15
O1 EDO E . -9.02 -17.19 20.53
C2 EDO E . -8.13 -16.16 18.55
O2 EDO E . -8.94 -15.00 18.81
C1 EDO F . -12.91 -0.27 9.96
O1 EDO F . -13.39 0.32 8.73
C2 EDO F . -13.73 -1.48 10.32
O2 EDO F . -13.84 -1.55 11.73
C1 EDO G . 12.46 -2.15 22.48
O1 EDO G . 12.67 -2.58 21.12
C2 EDO G . 12.93 -3.18 23.50
O2 EDO G . 14.29 -3.58 23.31
C1 EDO H . 9.12 -11.06 23.47
O1 EDO H . 8.04 -10.76 24.36
C2 EDO H . 10.26 -10.13 23.81
O2 EDO H . 9.85 -8.77 23.91
C1 EDO I . 20.79 8.88 23.16
O1 EDO I . 20.27 7.78 22.38
C2 EDO I . 20.42 10.23 22.55
O2 EDO I . 20.47 10.22 21.11
C1 EDO J . -9.29 3.86 44.61
O1 EDO J . -10.53 4.39 44.08
C2 EDO J . -8.16 3.98 43.58
O2 EDO J . -8.25 2.94 42.58
C1 EDO K . -18.09 -9.19 36.90
O1 EDO K . -16.70 -9.50 37.04
C2 EDO K . -18.56 -8.22 37.99
O2 EDO K . -17.77 -7.02 37.95
C1 EDO L . -19.29 4.42 16.22
O1 EDO L . -19.54 4.16 14.83
C2 EDO L . -20.45 5.17 16.87
O2 EDO L . -21.07 4.34 17.87
C1 EDO M . -26.38 -32.89 12.79
O1 EDO M . -26.01 -33.78 11.72
C2 EDO M . -27.10 -33.61 13.94
O2 EDO M . -27.12 -32.78 15.10
C1 EDO N . -4.69 -25.32 17.03
O1 EDO N . -5.97 -25.12 16.40
C2 EDO N . -4.49 -26.81 17.24
O2 EDO N . -4.37 -27.46 15.97
C1 EDO O . -13.00 -2.33 1.85
O1 EDO O . -13.46 -3.14 2.94
C2 EDO O . -11.86 -3.05 1.15
O2 EDO O . -11.68 -2.49 -0.16
C1 EDO P . -5.18 -17.86 -8.73
O1 EDO P . -5.89 -18.94 -9.35
C2 EDO P . -3.67 -18.11 -8.77
O2 EDO P . -3.21 -19.03 -7.78
C1 EDO Q . -35.45 -12.68 -4.83
O1 EDO Q . -34.30 -12.62 -5.68
C2 EDO Q . -35.46 -11.49 -3.86
O2 EDO Q . -34.17 -11.20 -3.27
C1 EDO R . -26.88 -19.59 18.40
O1 EDO R . -26.03 -20.46 17.64
C2 EDO R . -27.81 -20.39 19.34
O2 EDO R . -27.52 -20.06 20.71
C1 EDO S . -5.75 -7.95 1.64
O1 EDO S . -4.37 -7.52 1.54
C2 EDO S . -6.52 -7.09 2.62
O2 EDO S . -5.71 -6.75 3.76
C1 EDO T . 15.71 -26.23 0.26
O1 EDO T . 16.00 -25.00 0.94
C2 EDO T . 14.21 -26.43 0.21
O2 EDO T . 13.83 -27.04 -1.03
C1 EDO U . -22.89 -11.02 -2.93
O1 EDO U . -22.33 -9.70 -2.93
C2 EDO U . -24.33 -10.98 -2.47
O2 EDO U . -25.22 -10.33 -3.40
C1 EDO V . -22.67 21.54 -20.65
O1 EDO V . -21.45 20.84 -20.42
C2 EDO V . -23.25 22.11 -19.35
O2 EDO V . -22.46 23.18 -18.81
C1 EDO W . -4.43 19.67 4.64
O1 EDO W . -4.82 21.02 4.87
C2 EDO W . -3.31 19.27 5.61
O2 EDO W . -2.08 19.95 5.32
C1 EDO X . 10.32 18.74 -20.71
O1 EDO X . 9.34 18.39 -19.72
C2 EDO X . 11.63 18.12 -20.32
O2 EDO X . 12.57 18.22 -21.38
C1 EDO Y . -14.74 17.73 -14.33
O1 EDO Y . -16.10 17.32 -14.04
C2 EDO Y . -13.88 17.62 -13.07
O2 EDO Y . -13.80 16.28 -12.62
C1 EDO Z . -1.03 10.11 -12.81
O1 EDO Z . -1.77 9.95 -14.03
C2 EDO Z . -1.78 9.31 -11.76
O2 EDO Z . -1.14 9.39 -10.49
C1 EDO AA . -24.28 12.32 10.87
O1 EDO AA . -24.65 10.97 10.55
C2 EDO AA . -23.97 13.08 9.58
O2 EDO AA . -24.95 14.09 9.36
C1 EDO BA . -31.79 15.51 -28.46
O1 EDO BA . -32.30 16.42 -29.44
C2 EDO BA . -32.16 16.01 -27.07
O2 EDO BA . -33.50 15.66 -26.70
C1 EDO CA . -13.96 22.70 -16.86
O1 EDO CA . -13.90 21.93 -18.06
C2 EDO CA . -13.27 21.97 -15.70
O2 EDO CA . -11.84 22.16 -15.71
C1 EDO DA . -4.18 30.68 -3.08
O1 EDO DA . -3.25 31.11 -4.09
C2 EDO DA . -3.74 29.34 -2.51
O2 EDO DA . -4.83 28.66 -1.82
C1 EDO EA . 24.43 -6.02 -38.27
O1 EDO EA . 23.15 -6.22 -38.88
C2 EDO EA . 24.34 -6.25 -36.76
O2 EDO EA . 23.77 -5.14 -36.07
C1 EDO FA . 24.91 -3.80 -6.78
O1 EDO FA . 23.98 -3.36 -5.79
C2 EDO FA . 26.19 -2.98 -6.75
O2 EDO FA . 27.05 -3.27 -5.63
C1 EDO GA . 12.82 16.86 -17.22
O1 EDO GA . 13.51 16.71 -18.46
C2 EDO GA . 12.30 15.51 -16.76
O2 EDO GA . 11.61 14.81 -17.80
#